data_4J80
#
_entry.id   4J80
#
_cell.length_a   102.090
_cell.length_b   105.000
_cell.length_c   130.030
_cell.angle_alpha   90.00
_cell.angle_beta   90.00
_cell.angle_gamma   90.00
#
_symmetry.space_group_name_H-M   'P 21 21 2'
#
_entity_poly.entity_id   1
_entity_poly.type   'polypeptide(L)'
_entity_poly.pdbx_seq_one_letter_code
;(MSE)AAKKDYYAILGVPRNATQEEIKRAYKRLARQYHPDVNKSPEAEEKFKEINEAYAV(MSE)SDPEKRRIYDTYGTT
EAPPPPPPGGYDFSGFDVEDFSEFFQELFGPGLFGKGRDLRAELPLTLEEAFHGGERVVEVAGRRVSVR(MSE)PPGVRE
GSVIRVPG(MSE)GGQGNPPGDLLLVVR(MSE)LPHPVFRLEGQDLYATLDVPAPIAVVGGKVRA(MSE)TLEGPVEVAV
PPRTQAGRK(MSE)RLKGGGFPGPAGRGDLYLEVRITIPERLTPEEEALWKKLAEAYYARAAAALEHHHHHH
;
_entity_poly.pdbx_strand_id   A,B,C,D
#
# COMPACT_ATOMS: atom_id res chain seq x y z
N ALA A 2 5.92 74.45 -18.75
CA ALA A 2 4.61 74.64 -18.07
C ALA A 2 3.46 74.77 -19.08
N ALA A 3 3.58 75.73 -19.99
CA ALA A 3 2.58 75.98 -21.02
C ALA A 3 2.55 74.85 -22.04
N LYS A 4 1.34 74.46 -22.45
CA LYS A 4 1.17 73.32 -23.36
C LYS A 4 1.85 73.58 -24.70
N LYS A 5 2.88 72.79 -25.00
CA LYS A 5 3.62 72.90 -26.25
C LYS A 5 2.78 72.39 -27.42
N ASP A 6 2.84 73.09 -28.54
CA ASP A 6 2.13 72.68 -29.75
C ASP A 6 3.04 71.83 -30.62
N TYR A 7 2.96 70.51 -30.42
CA TYR A 7 3.77 69.58 -31.21
C TYR A 7 3.37 69.57 -32.68
N TYR A 8 2.11 69.88 -32.96
CA TYR A 8 1.62 69.99 -34.32
C TYR A 8 2.28 71.15 -35.08
N ALA A 9 2.39 72.30 -34.40
CA ALA A 9 3.08 73.46 -34.96
C ALA A 9 4.58 73.18 -35.15
N ILE A 10 5.16 72.43 -34.21
CA ILE A 10 6.59 72.11 -34.24
C ILE A 10 6.94 71.24 -35.45
N LEU A 11 6.09 70.26 -35.75
CA LEU A 11 6.29 69.39 -36.91
C LEU A 11 5.68 69.97 -38.19
N GLY A 12 4.91 71.03 -38.05
CA GLY A 12 4.26 71.67 -39.18
C GLY A 12 3.20 70.79 -39.83
N VAL A 13 2.53 69.99 -39.01
CA VAL A 13 1.42 69.15 -39.47
C VAL A 13 0.10 69.61 -38.86
N PRO A 14 -1.03 69.35 -39.55
CA PRO A 14 -2.33 69.77 -39.02
C PRO A 14 -2.75 68.98 -37.80
N ARG A 15 -3.73 69.51 -37.08
CA ARG A 15 -4.19 68.96 -35.80
C ARG A 15 -4.71 67.52 -35.92
N ASN A 16 -5.13 67.14 -37.12
CA ASN A 16 -5.65 65.79 -37.38
C ASN A 16 -4.78 64.98 -38.36
N ALA A 17 -3.47 65.20 -38.33
CA ALA A 17 -2.54 64.52 -39.21
C ALA A 17 -2.53 63.00 -38.98
N THR A 18 -2.24 62.24 -40.03
CA THR A 18 -2.02 60.80 -39.90
C THR A 18 -0.65 60.52 -39.28
N GLN A 19 -0.41 59.25 -38.95
CA GLN A 19 0.87 58.84 -38.38
C GLN A 19 2.00 58.92 -39.42
N GLU A 20 1.70 58.54 -40.66
CA GLU A 20 2.67 58.61 -41.76
C GLU A 20 3.00 60.05 -42.13
N GLU A 21 2.01 60.93 -42.00
CA GLU A 21 2.17 62.35 -42.23
C GLU A 21 3.18 62.90 -41.23
N ILE A 22 3.03 62.47 -39.97
CA ILE A 22 3.94 62.82 -38.89
C ILE A 22 5.34 62.24 -39.14
N LYS A 23 5.39 60.96 -39.51
CA LYS A 23 6.65 60.27 -39.78
C LYS A 23 7.50 61.02 -40.82
N ARG A 24 6.91 61.28 -41.98
CA ARG A 24 7.62 61.94 -43.07
C ARG A 24 7.97 63.39 -42.76
N ALA A 25 7.15 64.04 -41.92
CA ALA A 25 7.43 65.40 -41.46
C ALA A 25 8.65 65.42 -40.55
N TYR A 26 8.77 64.40 -39.71
CA TYR A 26 9.93 64.24 -38.84
C TYR A 26 11.19 64.03 -39.66
N LYS A 27 11.13 63.13 -40.63
CA LYS A 27 12.27 62.82 -41.50
C LYS A 27 12.77 64.08 -42.23
N ARG A 28 11.82 64.84 -42.78
CA ARG A 28 12.11 66.06 -43.51
C ARG A 28 12.78 67.10 -42.61
N LEU A 29 12.28 67.26 -41.39
CA LEU A 29 12.79 68.26 -40.46
C LEU A 29 14.05 67.82 -39.71
N ALA A 30 14.19 66.52 -39.48
CA ALA A 30 15.37 65.96 -38.80
C ALA A 30 16.63 66.11 -39.64
N ARG A 31 16.50 65.91 -40.95
CA ARG A 31 17.61 66.08 -41.90
C ARG A 31 17.96 67.55 -42.08
N GLN A 32 17.02 68.42 -41.73
CA GLN A 32 17.19 69.87 -41.85
C GLN A 32 17.98 70.46 -40.66
N TYR A 33 17.73 69.92 -39.47
CA TYR A 33 18.33 70.44 -38.24
C TYR A 33 19.28 69.47 -37.51
N HIS A 34 19.76 68.45 -38.23
CA HIS A 34 20.69 67.46 -37.67
C HIS A 34 22.05 68.09 -37.31
N PRO A 35 22.59 67.77 -36.11
CA PRO A 35 23.84 68.33 -35.57
C PRO A 35 24.99 68.41 -36.57
N ASP A 36 25.22 67.36 -37.35
CA ASP A 36 26.37 67.34 -38.26
C ASP A 36 26.07 67.74 -39.72
N VAL A 37 24.82 68.09 -40.02
CA VAL A 37 24.48 68.67 -41.33
C VAL A 37 24.30 70.18 -41.19
N ASN A 38 23.73 70.60 -40.07
CA ASN A 38 23.48 72.01 -39.77
C ASN A 38 24.25 72.43 -38.53
N LYS A 39 25.30 73.22 -38.73
CA LYS A 39 26.17 73.66 -37.64
C LYS A 39 25.75 75.04 -37.12
N SER A 40 24.51 75.13 -36.66
CA SER A 40 23.95 76.36 -36.12
C SER A 40 23.64 76.24 -34.63
N PRO A 41 23.81 77.34 -33.86
CA PRO A 41 23.45 77.34 -32.44
C PRO A 41 21.93 77.20 -32.21
N GLU A 42 21.14 77.74 -33.15
CA GLU A 42 19.68 77.63 -33.11
C GLU A 42 19.19 76.24 -33.45
N ALA A 43 20.00 75.50 -34.22
CA ALA A 43 19.64 74.16 -34.69
C ALA A 43 19.56 73.12 -33.57
N GLU A 44 20.39 73.29 -32.53
CA GLU A 44 20.42 72.40 -31.37
C GLU A 44 19.05 72.35 -30.68
N GLU A 45 18.47 73.53 -30.43
CA GLU A 45 17.19 73.65 -29.75
C GLU A 45 16.01 73.20 -30.63
N LYS A 46 16.06 73.56 -31.92
CA LYS A 46 15.04 73.14 -32.88
C LYS A 46 15.00 71.62 -33.07
N PHE A 47 16.18 71.00 -33.15
CA PHE A 47 16.31 69.55 -33.27
C PHE A 47 15.73 68.86 -32.05
N LYS A 48 16.06 69.38 -30.87
CA LYS A 48 15.56 68.87 -29.59
C LYS A 48 14.03 68.90 -29.58
N GLU A 49 13.47 70.04 -29.96
CA GLU A 49 12.02 70.22 -30.07
C GLU A 49 11.39 69.18 -30.98
N ILE A 50 11.97 69.02 -32.17
CA ILE A 50 11.48 68.08 -33.18
C ILE A 50 11.48 66.63 -32.66
N ASN A 51 12.56 66.25 -32.00
CA ASN A 51 12.67 64.92 -31.40
C ASN A 51 11.64 64.68 -30.30
N GLU A 52 11.45 65.67 -29.43
CA GLU A 52 10.42 65.62 -28.40
C GLU A 52 9.04 65.47 -29.03
N ALA A 53 8.75 66.30 -30.03
CA ALA A 53 7.48 66.24 -30.74
C ALA A 53 7.23 64.85 -31.31
N TYR A 54 8.21 64.30 -32.01
CA TYR A 54 8.07 62.99 -32.65
C TYR A 54 7.95 61.86 -31.62
N ALA A 55 8.66 61.99 -30.50
CA ALA A 55 8.62 61.00 -29.41
C ALA A 55 7.21 60.77 -28.87
N VAL A 56 6.43 61.86 -28.82
CA VAL A 56 5.08 61.83 -28.27
C VAL A 56 4.08 61.46 -29.37
N MSE A 57 4.30 62.01 -30.56
CA MSE A 57 3.32 61.93 -31.65
C MSE A 57 3.45 60.65 -32.48
O MSE A 57 2.49 60.29 -33.18
CB MSE A 57 3.45 63.14 -32.55
CG MSE A 57 3.38 64.46 -31.80
SE MSE A 57 1.60 65.22 -31.80
CE MSE A 57 1.57 65.69 -33.69
N SER A 58 4.60 59.98 -32.43
CA SER A 58 4.81 58.76 -33.20
C SER A 58 4.03 57.58 -32.62
N ASP A 59 3.81 57.61 -31.31
CA ASP A 59 3.00 56.61 -30.64
C ASP A 59 1.57 57.14 -30.53
N PRO A 60 0.60 56.44 -31.15
CA PRO A 60 -0.81 56.81 -31.08
C PRO A 60 -1.30 56.91 -29.63
N GLU A 61 -0.88 55.96 -28.80
CA GLU A 61 -1.21 55.94 -27.38
C GLU A 61 -0.72 57.18 -26.64
N LYS A 62 0.51 57.61 -26.93
CA LYS A 62 1.06 58.79 -26.32
C LYS A 62 0.47 60.06 -26.94
N ARG A 63 0.20 60.01 -28.25
CA ARG A 63 -0.43 61.11 -28.96
C ARG A 63 -1.82 61.45 -28.39
N ARG A 64 -2.55 60.43 -27.96
CA ARG A 64 -3.88 60.60 -27.39
C ARG A 64 -3.82 61.26 -26.02
N ILE A 65 -2.87 60.83 -25.20
CA ILE A 65 -2.64 61.41 -23.87
C ILE A 65 -2.48 62.92 -23.99
N TYR A 66 -1.61 63.33 -24.91
CA TYR A 66 -1.31 64.73 -25.18
C TYR A 66 -2.52 65.49 -25.71
N ASP A 67 -3.27 64.86 -26.62
CA ASP A 67 -4.47 65.44 -27.19
C ASP A 67 -5.56 65.71 -26.15
N THR A 68 -5.72 64.77 -25.22
CA THR A 68 -6.72 64.89 -24.18
C THR A 68 -6.12 65.41 -22.87
N TYR A 69 -5.13 66.28 -22.98
CA TYR A 69 -4.50 66.93 -21.82
C TYR A 69 -4.77 68.43 -21.83
N GLY A 70 -5.27 68.93 -20.71
CA GLY A 70 -5.68 70.33 -20.59
C GLY A 70 -7.15 70.42 -20.21
N THR A 71 -7.99 69.69 -20.94
CA THR A 71 -9.42 69.55 -20.61
C THR A 71 -9.55 68.85 -19.26
N THR A 72 -8.75 67.79 -19.09
CA THR A 72 -8.44 67.24 -17.78
C THR A 72 -7.09 67.83 -17.37
N GLU A 73 -7.15 68.73 -16.39
CA GLU A 73 -6.02 69.61 -16.04
C GLU A 73 -4.73 68.87 -15.64
N ALA A 74 -4.83 67.98 -14.68
CA ALA A 74 -3.69 67.25 -14.14
C ALA A 74 -3.24 66.09 -15.07
N PRO A 75 -1.95 65.70 -15.00
CA PRO A 75 -1.46 64.54 -15.75
C PRO A 75 -2.19 63.24 -15.39
N PRO A 76 -2.32 62.32 -16.36
CA PRO A 76 -3.04 61.08 -16.14
C PRO A 76 -2.20 60.01 -15.44
N PRO A 77 -2.85 59.01 -14.82
CA PRO A 77 -2.13 57.85 -14.27
C PRO A 77 -1.34 57.10 -15.35
N PRO A 78 -0.16 56.59 -14.99
CA PRO A 78 0.70 55.85 -15.92
C PRO A 78 0.17 54.44 -16.21
N PRO A 79 0.53 53.87 -17.37
CA PRO A 79 0.16 52.48 -17.63
C PRO A 79 1.06 51.54 -16.82
N PRO A 80 0.64 50.28 -16.64
CA PRO A 80 1.51 49.29 -16.03
C PRO A 80 2.87 49.24 -16.74
N GLY A 81 3.95 49.34 -15.98
CA GLY A 81 5.31 49.32 -16.52
C GLY A 81 5.91 50.71 -16.68
N GLY A 82 5.16 51.61 -17.29
CA GLY A 82 5.61 52.99 -17.52
C GLY A 82 5.49 53.35 -18.98
N TYR A 83 6.01 54.52 -19.34
CA TYR A 83 6.07 54.91 -20.75
C TYR A 83 7.36 54.44 -21.37
N ASP A 84 7.28 53.94 -22.60
CA ASP A 84 8.44 53.48 -23.33
C ASP A 84 8.80 54.48 -24.42
N PHE A 85 9.87 55.23 -24.19
CA PHE A 85 10.40 56.16 -25.17
C PHE A 85 11.75 55.68 -25.69
N SER A 86 11.76 54.46 -26.22
CA SER A 86 12.98 53.84 -26.75
C SER A 86 13.60 54.68 -27.86
N GLY A 87 14.90 54.92 -27.75
CA GLY A 87 15.64 55.71 -28.73
C GLY A 87 15.38 57.20 -28.66
N PHE A 88 15.03 57.67 -27.46
CA PHE A 88 14.80 59.09 -27.23
C PHE A 88 15.47 59.57 -25.95
N ASP A 89 16.28 60.63 -26.08
CA ASP A 89 16.98 61.24 -24.94
C ASP A 89 15.96 61.97 -24.07
N VAL A 90 15.24 61.21 -23.27
CA VAL A 90 14.06 61.68 -22.54
C VAL A 90 14.38 62.71 -21.45
N GLU A 91 15.60 62.67 -20.92
CA GLU A 91 16.02 63.55 -19.84
C GLU A 91 16.31 64.97 -20.31
N ASP A 92 16.41 65.15 -21.63
CA ASP A 92 16.74 66.44 -22.21
C ASP A 92 15.49 67.17 -22.73
N PHE A 93 14.35 66.49 -22.71
CA PHE A 93 13.09 67.08 -23.19
C PHE A 93 12.56 68.13 -22.23
N SER A 94 11.59 68.92 -22.71
CA SER A 94 11.07 70.09 -22.00
C SER A 94 10.41 69.75 -20.67
N GLU A 95 10.19 70.77 -19.84
CA GLU A 95 9.49 70.59 -18.57
C GLU A 95 8.05 70.13 -18.76
N PHE A 96 7.37 70.71 -19.75
CA PHE A 96 6.00 70.31 -20.10
C PHE A 96 5.91 68.81 -20.25
N PHE A 97 6.88 68.24 -20.96
CA PHE A 97 6.96 66.82 -21.19
C PHE A 97 7.07 66.05 -19.88
N GLN A 98 7.97 66.50 -19.01
CA GLN A 98 8.21 65.86 -17.71
C GLN A 98 6.95 65.89 -16.83
N GLU A 99 6.27 67.03 -16.84
CA GLU A 99 5.03 67.19 -16.10
C GLU A 99 3.98 66.21 -16.61
N LEU A 100 3.92 66.05 -17.94
CA LEU A 100 2.90 65.23 -18.59
C LEU A 100 3.16 63.73 -18.52
N PHE A 101 4.37 63.31 -18.86
CA PHE A 101 4.71 61.88 -18.90
C PHE A 101 5.50 61.41 -17.67
N GLY A 102 5.97 62.36 -16.86
CA GLY A 102 6.74 62.08 -15.65
C GLY A 102 6.27 60.93 -14.78
N PRO A 103 4.99 60.93 -14.36
CA PRO A 103 4.45 59.87 -13.51
C PRO A 103 4.81 58.47 -13.98
N GLY A 104 5.04 58.30 -15.28
CA GLY A 104 5.43 57.01 -15.84
C GLY A 104 6.74 57.05 -16.58
N LEU A 105 7.71 57.78 -16.03
CA LEU A 105 9.07 57.79 -16.55
C LEU A 105 10.03 57.37 -15.45
N PHE A 106 10.43 56.09 -15.49
CA PHE A 106 11.30 55.53 -14.46
C PHE A 106 12.74 55.46 -14.92
N GLY A 107 13.65 55.24 -13.99
CA GLY A 107 15.08 55.19 -14.29
C GLY A 107 15.53 53.81 -14.71
N LYS A 108 16.84 53.60 -14.67
CA LYS A 108 17.44 52.33 -15.08
C LYS A 108 16.91 51.19 -14.23
N GLY A 109 16.29 50.20 -14.86
CA GLY A 109 15.73 49.04 -14.16
C GLY A 109 16.79 48.23 -13.44
N ARG A 110 16.44 47.77 -12.24
CA ARG A 110 17.35 46.93 -11.46
C ARG A 110 17.36 45.50 -11.99
N ASP A 111 18.49 44.83 -11.84
CA ASP A 111 18.60 43.42 -12.20
C ASP A 111 17.89 42.56 -11.17
N LEU A 112 17.35 41.43 -11.62
CA LEU A 112 16.87 40.42 -10.69
C LEU A 112 17.79 39.21 -10.69
N ARG A 113 18.20 38.80 -9.49
CA ARG A 113 19.06 37.65 -9.31
C ARG A 113 18.25 36.51 -8.70
N ALA A 114 18.24 35.38 -9.40
CA ALA A 114 17.47 34.20 -8.96
C ALA A 114 18.28 32.91 -9.07
N GLU A 115 17.96 31.94 -8.21
CA GLU A 115 18.60 30.63 -8.24
C GLU A 115 17.89 29.70 -9.23
N LEU A 116 18.67 28.85 -9.89
CA LEU A 116 18.15 27.85 -10.81
C LEU A 116 18.50 26.45 -10.33
N PRO A 117 17.65 25.87 -9.45
CA PRO A 117 17.94 24.56 -8.87
C PRO A 117 17.83 23.44 -9.91
N LEU A 118 18.97 22.79 -10.20
CA LEU A 118 19.03 21.74 -11.23
C LEU A 118 19.53 20.42 -10.66
N THR A 119 18.99 19.32 -11.20
CA THR A 119 19.47 17.98 -10.88
C THR A 119 20.67 17.65 -11.76
N LEU A 120 21.55 16.78 -11.26
CA LEU A 120 22.77 16.39 -11.99
C LEU A 120 22.52 16.08 -13.46
N GLU A 121 21.44 15.35 -13.74
CA GLU A 121 21.11 14.99 -15.12
C GLU A 121 20.56 16.17 -15.94
N GLU A 122 19.83 17.07 -15.29
CA GLU A 122 19.36 18.30 -15.95
C GLU A 122 20.52 19.18 -16.40
N ALA A 123 21.50 19.37 -15.52
CA ALA A 123 22.68 20.18 -15.80
C ALA A 123 23.63 19.49 -16.78
N PHE A 124 23.66 18.16 -16.72
CA PHE A 124 24.50 17.34 -17.59
C PHE A 124 24.11 17.53 -19.04
N HIS A 125 22.83 17.34 -19.34
CA HIS A 125 22.30 17.46 -20.69
C HIS A 125 22.27 18.90 -21.17
N GLY A 126 21.88 19.82 -20.28
CA GLY A 126 21.65 21.20 -20.65
C GLY A 126 20.48 21.31 -21.60
N GLY A 127 20.54 22.28 -22.51
CA GLY A 127 19.50 22.47 -23.52
C GLY A 127 18.56 23.60 -23.19
N GLU A 128 17.32 23.48 -23.65
CA GLU A 128 16.30 24.52 -23.46
C GLU A 128 15.51 24.31 -22.18
N ARG A 129 15.51 25.31 -21.31
CA ARG A 129 14.77 25.27 -20.05
C ARG A 129 13.82 26.46 -19.93
N VAL A 130 12.56 26.16 -19.68
CA VAL A 130 11.57 27.18 -19.34
C VAL A 130 11.63 27.44 -17.84
N VAL A 131 11.93 28.69 -17.48
CA VAL A 131 12.10 29.06 -16.08
C VAL A 131 11.03 30.05 -15.64
N GLU A 132 10.33 29.71 -14.57
CA GLU A 132 9.35 30.60 -13.96
C GLU A 132 9.83 31.06 -12.58
N VAL A 133 10.53 32.19 -12.54
CA VAL A 133 11.02 32.75 -11.28
C VAL A 133 10.29 34.03 -10.94
N ALA A 134 9.74 34.07 -9.72
CA ALA A 134 8.91 35.16 -9.22
C ALA A 134 8.88 36.38 -10.15
N GLY A 135 7.87 36.41 -11.00
CA GLY A 135 7.67 37.52 -11.93
C GLY A 135 7.23 37.08 -13.31
N ARG A 136 8.17 36.54 -14.08
CA ARG A 136 7.91 36.24 -15.50
C ARG A 136 8.41 34.87 -15.95
N ARG A 137 7.83 34.41 -17.05
CA ARG A 137 8.21 33.18 -17.72
C ARG A 137 9.36 33.46 -18.67
N VAL A 138 10.43 32.69 -18.55
CA VAL A 138 11.62 32.87 -19.37
C VAL A 138 12.13 31.53 -19.89
N SER A 139 12.44 31.48 -21.18
CA SER A 139 13.11 30.32 -21.78
C SER A 139 14.54 30.68 -22.15
N VAL A 140 15.47 29.78 -21.82
CA VAL A 140 16.90 30.04 -22.06
C VAL A 140 17.66 28.80 -22.52
N ARG A 141 18.71 29.01 -23.31
CA ARG A 141 19.62 27.96 -23.71
C ARG A 141 20.71 27.75 -22.66
N MSE A 142 20.95 26.49 -22.34
CA MSE A 142 21.82 26.12 -21.22
C MSE A 142 22.88 25.14 -21.71
O MSE A 142 22.55 24.06 -22.21
CB MSE A 142 20.96 25.47 -20.15
CG MSE A 142 21.31 25.83 -18.72
SE MSE A 142 19.87 25.22 -17.55
CE MSE A 142 19.87 23.31 -17.98
N PRO A 143 24.17 25.52 -21.60
CA PRO A 143 25.26 24.68 -22.11
C PRO A 143 25.38 23.37 -21.34
N PRO A 144 25.59 22.25 -22.08
CA PRO A 144 25.75 20.97 -21.41
C PRO A 144 26.90 21.01 -20.41
N GLY A 145 26.63 20.55 -19.19
CA GLY A 145 27.64 20.49 -18.14
C GLY A 145 27.76 21.77 -17.34
N VAL A 146 26.66 22.49 -17.20
CA VAL A 146 26.62 23.72 -16.42
C VAL A 146 26.80 23.39 -14.92
N ARG A 147 27.51 24.25 -14.20
CA ARG A 147 27.91 23.97 -12.81
C ARG A 147 27.30 24.93 -11.79
N GLU A 148 27.44 24.59 -10.51
CA GLU A 148 27.06 25.47 -9.40
C GLU A 148 27.66 26.86 -9.58
N GLY A 149 26.85 27.89 -9.42
CA GLY A 149 27.31 29.27 -9.48
C GLY A 149 27.56 29.80 -10.88
N SER A 150 27.16 29.03 -11.89
CA SER A 150 27.20 29.50 -13.27
C SER A 150 26.10 30.52 -13.49
N VAL A 151 26.46 31.64 -14.11
CA VAL A 151 25.53 32.73 -14.34
C VAL A 151 24.96 32.65 -15.75
N ILE A 152 23.64 32.56 -15.83
CA ILE A 152 22.92 32.64 -17.11
C ILE A 152 22.23 33.99 -17.18
N ARG A 153 22.71 34.86 -18.07
CA ARG A 153 22.11 36.19 -18.26
C ARG A 153 20.97 36.15 -19.27
N VAL A 154 19.78 36.55 -18.83
CA VAL A 154 18.66 36.77 -19.74
C VAL A 154 18.44 38.27 -19.86
N PRO A 155 18.99 38.88 -20.93
CA PRO A 155 18.97 40.33 -21.06
C PRO A 155 17.56 40.91 -21.26
N GLY A 156 17.25 41.97 -20.52
CA GLY A 156 15.99 42.68 -20.66
C GLY A 156 14.83 42.13 -19.84
N MSE A 157 15.06 41.02 -19.14
CA MSE A 157 14.01 40.33 -18.41
C MSE A 157 14.04 40.57 -16.90
O MSE A 157 13.33 39.90 -16.14
CB MSE A 157 14.02 38.82 -18.72
CG MSE A 157 13.72 38.49 -20.17
SE MSE A 157 12.00 39.20 -20.76
CE MSE A 157 10.83 37.79 -20.10
N GLY A 158 14.84 41.54 -16.49
CA GLY A 158 14.93 41.93 -15.08
C GLY A 158 13.81 42.89 -14.68
N GLY A 159 14.16 43.91 -13.90
CA GLY A 159 13.19 44.88 -13.41
C GLY A 159 12.74 45.85 -14.48
N GLN A 160 11.53 46.37 -14.36
CA GLN A 160 11.00 47.35 -15.29
C GLN A 160 11.71 48.69 -15.14
N GLY A 161 11.94 49.36 -16.27
CA GLY A 161 12.56 50.69 -16.27
C GLY A 161 12.96 51.16 -17.65
N ASN A 162 13.83 52.16 -17.69
CA ASN A 162 14.32 52.74 -18.93
C ASN A 162 15.85 52.73 -18.99
N PRO A 163 16.45 51.66 -19.53
CA PRO A 163 15.82 50.43 -20.05
C PRO A 163 15.48 49.44 -18.93
N PRO A 164 14.76 48.34 -19.27
CA PRO A 164 14.57 47.27 -18.30
C PRO A 164 15.88 46.59 -17.89
N GLY A 165 15.92 46.00 -16.70
CA GLY A 165 17.09 45.32 -16.20
C GLY A 165 17.24 43.92 -16.78
N ASP A 166 18.31 43.24 -16.40
CA ASP A 166 18.55 41.87 -16.86
C ASP A 166 18.15 40.86 -15.80
N LEU A 167 17.74 39.67 -16.24
CA LEU A 167 17.56 38.55 -15.35
C LEU A 167 18.90 37.82 -15.25
N LEU A 168 19.36 37.58 -14.03
CA LEU A 168 20.57 36.82 -13.80
C LEU A 168 20.24 35.56 -13.03
N LEU A 169 20.35 34.43 -13.71
CA LEU A 169 20.07 33.12 -13.12
C LEU A 169 21.37 32.45 -12.71
N VAL A 170 21.47 32.10 -11.43
CA VAL A 170 22.63 31.36 -10.92
C VAL A 170 22.24 29.91 -10.68
N VAL A 171 23.00 29.00 -11.28
CA VAL A 171 22.71 27.58 -11.16
C VAL A 171 23.04 27.05 -9.76
N ARG A 172 22.10 26.30 -9.20
CA ARG A 172 22.32 25.56 -7.96
C ARG A 172 22.15 24.08 -8.24
N MSE A 173 22.97 23.25 -7.62
CA MSE A 173 22.92 21.81 -7.86
C MSE A 173 22.20 21.06 -6.76
O MSE A 173 22.59 21.11 -5.59
CB MSE A 173 24.34 21.25 -8.05
CG MSE A 173 24.40 19.98 -8.88
SE MSE A 173 23.85 20.29 -10.72
CE MSE A 173 25.32 21.45 -11.30
N LEU A 174 21.14 20.34 -7.14
CA LEU A 174 20.41 19.48 -6.23
C LEU A 174 21.21 18.22 -5.91
N PRO A 175 21.30 17.86 -4.61
CA PRO A 175 22.00 16.65 -4.19
C PRO A 175 21.41 15.40 -4.83
N HIS A 176 22.29 14.50 -5.28
CA HIS A 176 21.88 13.31 -6.03
C HIS A 176 21.96 12.03 -5.18
N PRO A 177 20.98 11.13 -5.32
CA PRO A 177 20.97 9.88 -4.55
C PRO A 177 22.18 8.97 -4.80
N VAL A 178 22.71 8.96 -6.02
CA VAL A 178 23.82 8.05 -6.36
C VAL A 178 25.14 8.76 -6.72
N PHE A 179 25.09 9.85 -7.47
CA PHE A 179 26.31 10.52 -7.92
C PHE A 179 26.71 11.75 -7.10
N ARG A 180 28.02 12.02 -7.06
CA ARG A 180 28.58 13.14 -6.33
C ARG A 180 29.52 13.92 -7.25
N LEU A 181 29.19 15.20 -7.50
CA LEU A 181 29.95 16.03 -8.44
C LEU A 181 31.08 16.77 -7.76
N GLU A 182 32.25 16.76 -8.38
CA GLU A 182 33.41 17.49 -7.91
C GLU A 182 34.20 17.97 -9.12
N GLY A 183 34.02 19.24 -9.46
CA GLY A 183 34.63 19.81 -10.66
C GLY A 183 33.87 19.33 -11.87
N GLN A 184 34.52 18.49 -12.68
CA GLN A 184 33.85 17.88 -13.83
C GLN A 184 33.76 16.36 -13.69
N ASP A 185 34.28 15.86 -12.57
CA ASP A 185 34.29 14.42 -12.29
C ASP A 185 33.08 13.97 -11.47
N LEU A 186 32.55 12.80 -11.82
CA LEU A 186 31.48 12.17 -11.06
C LEU A 186 32.00 11.02 -10.19
N TYR A 187 31.37 10.82 -9.03
CA TYR A 187 31.77 9.79 -8.09
C TYR A 187 30.56 8.98 -7.63
N ALA A 188 30.67 7.65 -7.72
CA ALA A 188 29.58 6.76 -7.34
C ALA A 188 30.10 5.49 -6.70
N THR A 189 29.25 4.86 -5.89
CA THR A 189 29.56 3.58 -5.27
C THR A 189 29.08 2.44 -6.17
N LEU A 190 29.99 1.53 -6.50
CA LEU A 190 29.66 0.35 -7.32
C LEU A 190 29.56 -0.90 -6.44
N ASP A 191 28.35 -1.44 -6.33
CA ASP A 191 28.12 -2.68 -5.59
C ASP A 191 28.61 -3.87 -6.40
N VAL A 192 29.61 -4.57 -5.86
CA VAL A 192 30.19 -5.74 -6.52
C VAL A 192 30.06 -6.96 -5.61
N PRO A 193 29.27 -7.96 -6.02
CA PRO A 193 29.16 -9.21 -5.27
C PRO A 193 30.52 -9.84 -4.99
N ALA A 194 30.70 -10.32 -3.76
CA ALA A 194 31.97 -10.88 -3.28
C ALA A 194 32.60 -11.93 -4.20
N PRO A 195 31.82 -12.94 -4.66
CA PRO A 195 32.41 -13.93 -5.57
C PRO A 195 32.95 -13.32 -6.86
N ILE A 196 32.19 -12.40 -7.47
CA ILE A 196 32.62 -11.72 -8.70
C ILE A 196 33.90 -10.92 -8.47
N ALA A 197 34.04 -10.37 -7.27
CA ALA A 197 35.22 -9.59 -6.90
C ALA A 197 36.49 -10.46 -6.87
N VAL A 198 36.36 -11.66 -6.33
CA VAL A 198 37.48 -12.60 -6.23
C VAL A 198 37.90 -13.13 -7.59
N VAL A 199 36.95 -13.76 -8.28
CA VAL A 199 37.19 -14.37 -9.60
C VAL A 199 37.48 -13.32 -10.67
N GLY A 200 36.66 -12.26 -10.71
CA GLY A 200 36.83 -11.18 -11.67
C GLY A 200 35.93 -11.33 -12.86
N GLY A 201 34.82 -10.60 -12.88
CA GLY A 201 33.86 -10.67 -13.96
C GLY A 201 33.35 -9.33 -14.44
N LYS A 202 32.06 -9.30 -14.81
CA LYS A 202 31.44 -8.08 -15.30
C LYS A 202 30.20 -7.73 -14.49
N VAL A 203 30.19 -6.51 -13.94
CA VAL A 203 29.05 -6.00 -13.18
C VAL A 203 28.36 -4.90 -13.99
N ARG A 204 27.05 -4.75 -13.79
CA ARG A 204 26.28 -3.68 -14.43
C ARG A 204 26.30 -2.43 -13.55
N ALA A 205 26.98 -1.38 -14.03
CA ALA A 205 27.07 -0.10 -13.31
C ALA A 205 26.27 0.99 -14.03
N MSE A 206 26.14 2.14 -13.38
CA MSE A 206 25.31 3.23 -13.91
C MSE A 206 26.06 4.52 -14.18
O MSE A 206 26.98 4.88 -13.42
CB MSE A 206 24.11 3.49 -13.00
CG MSE A 206 23.08 2.37 -12.99
SE MSE A 206 21.27 3.00 -12.65
CE MSE A 206 21.03 4.18 -14.19
N THR A 207 25.68 5.19 -15.25
CA THR A 207 26.14 6.54 -15.58
C THR A 207 24.90 7.41 -15.78
N LEU A 208 25.09 8.72 -15.93
CA LEU A 208 23.98 9.63 -16.20
C LEU A 208 23.37 9.43 -17.58
N GLU A 209 24.20 9.01 -18.52
CA GLU A 209 23.76 8.68 -19.88
C GLU A 209 22.87 7.43 -19.88
N GLY A 210 23.21 6.47 -19.02
CA GLY A 210 22.48 5.22 -18.89
C GLY A 210 23.32 4.17 -18.17
N PRO A 211 22.91 2.90 -18.26
CA PRO A 211 23.71 1.84 -17.64
C PRO A 211 24.78 1.28 -18.58
N VAL A 212 25.94 0.94 -18.02
CA VAL A 212 27.04 0.35 -18.78
C VAL A 212 27.55 -0.92 -18.10
N GLU A 213 28.31 -1.72 -18.85
CA GLU A 213 28.96 -2.90 -18.29
C GLU A 213 30.40 -2.60 -17.86
N VAL A 214 30.71 -2.94 -16.61
CA VAL A 214 32.03 -2.69 -16.04
C VAL A 214 32.72 -4.01 -15.73
N ALA A 215 33.87 -4.23 -16.37
CA ALA A 215 34.67 -5.41 -16.12
C ALA A 215 35.56 -5.21 -14.91
N VAL A 216 35.33 -6.02 -13.87
CA VAL A 216 36.18 -6.00 -12.69
C VAL A 216 37.25 -7.10 -12.79
N PRO A 217 38.53 -6.72 -12.61
CA PRO A 217 39.66 -7.66 -12.67
C PRO A 217 39.63 -8.70 -11.54
N PRO A 218 40.35 -9.83 -11.71
CA PRO A 218 40.47 -10.81 -10.64
C PRO A 218 41.14 -10.22 -9.40
N ARG A 219 40.65 -10.60 -8.23
CA ARG A 219 41.15 -10.13 -6.93
C ARG A 219 41.21 -8.61 -6.82
N THR A 220 40.04 -7.98 -6.90
CA THR A 220 39.92 -6.54 -6.67
C THR A 220 39.28 -6.25 -5.31
N GLN A 221 40.06 -5.64 -4.42
CA GLN A 221 39.65 -5.38 -3.04
C GLN A 221 38.60 -4.28 -2.92
N ALA A 222 38.00 -4.17 -1.74
CA ALA A 222 37.11 -3.07 -1.39
C ALA A 222 37.87 -1.76 -1.35
N GLY A 223 37.28 -0.72 -1.93
CA GLY A 223 37.89 0.61 -1.94
C GLY A 223 38.73 0.92 -3.17
N ARG A 224 38.76 -0.03 -4.11
CA ARG A 224 39.45 0.18 -5.38
C ARG A 224 38.64 1.12 -6.26
N LYS A 225 39.25 2.25 -6.61
CA LYS A 225 38.61 3.26 -7.46
C LYS A 225 38.91 3.02 -8.93
N MSE A 226 37.86 2.96 -9.74
CA MSE A 226 37.98 2.67 -11.15
C MSE A 226 37.53 3.84 -12.01
O MSE A 226 36.44 4.39 -11.78
CB MSE A 226 37.16 1.43 -11.52
CG MSE A 226 37.47 0.21 -10.68
SE MSE A 226 36.40 -1.30 -11.22
CE MSE A 226 37.25 -1.70 -12.94
N ARG A 227 38.35 4.20 -12.98
CA ARG A 227 38.08 5.36 -13.83
C ARG A 227 37.43 4.95 -15.15
N LEU A 228 36.28 5.55 -15.43
CA LEU A 228 35.66 5.46 -16.74
C LEU A 228 35.89 6.79 -17.45
N LYS A 229 36.91 6.82 -18.31
CA LYS A 229 37.30 8.03 -19.05
C LYS A 229 36.10 8.62 -19.77
N GLY A 230 35.90 9.93 -19.59
CA GLY A 230 34.84 10.66 -20.27
C GLY A 230 33.42 10.36 -19.83
N GLY A 231 33.28 9.66 -18.70
CA GLY A 231 31.96 9.33 -18.17
C GLY A 231 31.41 10.38 -17.22
N GLY A 232 32.16 11.47 -17.03
CA GLY A 232 31.74 12.57 -16.17
C GLY A 232 31.10 13.73 -16.91
N PHE A 233 31.08 14.89 -16.26
CA PHE A 233 30.44 16.11 -16.78
C PHE A 233 31.13 16.68 -18.02
N PRO A 234 30.33 17.17 -18.99
CA PRO A 234 30.90 17.80 -20.18
C PRO A 234 31.37 19.22 -19.88
N GLY A 235 32.19 19.77 -20.77
CA GLY A 235 32.69 21.12 -20.64
C GLY A 235 33.15 21.67 -21.96
N PRO A 236 33.30 23.01 -22.05
CA PRO A 236 33.73 23.66 -23.29
C PRO A 236 35.10 23.20 -23.78
N ALA A 237 36.04 23.00 -22.87
CA ALA A 237 37.41 22.66 -23.25
C ALA A 237 37.72 21.16 -23.11
N GLY A 238 36.91 20.45 -22.34
CA GLY A 238 37.13 19.04 -22.11
C GLY A 238 36.09 18.39 -21.21
N ARG A 239 36.14 17.07 -21.13
CA ARG A 239 35.15 16.29 -20.42
C ARG A 239 35.74 15.65 -19.16
N GLY A 240 34.94 15.59 -18.10
CA GLY A 240 35.36 14.95 -16.86
C GLY A 240 35.19 13.45 -16.91
N ASP A 241 35.65 12.77 -15.85
CA ASP A 241 35.65 11.32 -15.79
C ASP A 241 34.64 10.81 -14.75
N LEU A 242 34.39 9.49 -14.77
CA LEU A 242 33.56 8.85 -13.74
C LEU A 242 34.44 7.94 -12.88
N TYR A 243 34.31 8.07 -11.57
CA TYR A 243 35.03 7.21 -10.64
C TYR A 243 34.06 6.35 -9.85
N LEU A 244 34.21 5.04 -9.96
CA LEU A 244 33.42 4.11 -9.17
C LEU A 244 34.25 3.53 -8.03
N GLU A 245 33.78 3.72 -6.80
CA GLU A 245 34.43 3.12 -5.64
C GLU A 245 33.81 1.76 -5.38
N VAL A 246 34.64 0.72 -5.40
CA VAL A 246 34.20 -0.66 -5.23
C VAL A 246 33.71 -0.91 -3.80
N ARG A 247 32.50 -1.47 -3.70
CA ARG A 247 31.91 -1.84 -2.42
C ARG A 247 31.43 -3.29 -2.47
N ILE A 248 32.21 -4.18 -1.87
CA ILE A 248 31.92 -5.61 -1.85
C ILE A 248 30.58 -5.90 -1.19
N THR A 249 29.71 -6.60 -1.90
CA THR A 249 28.37 -6.93 -1.39
C THR A 249 28.18 -8.43 -1.20
N ILE A 250 27.29 -8.80 -0.28
CA ILE A 250 27.01 -10.22 0.02
C ILE A 250 25.50 -10.52 0.00
N PRO A 251 25.12 -11.76 -0.36
CA PRO A 251 23.71 -12.14 -0.43
C PRO A 251 23.03 -12.18 0.94
N GLU A 252 21.91 -11.49 1.06
CA GLU A 252 21.14 -11.44 2.30
C GLU A 252 20.16 -12.62 2.38
N ARG A 253 20.10 -13.40 1.30
CA ARG A 253 19.24 -14.59 1.21
C ARG A 253 19.90 -15.63 0.30
N LEU A 254 19.70 -16.91 0.62
CA LEU A 254 20.37 -18.00 -0.09
C LEU A 254 19.53 -19.26 -0.18
N THR A 255 19.98 -20.19 -1.03
CA THR A 255 19.42 -21.55 -1.10
C THR A 255 20.23 -22.46 -0.20
N PRO A 256 19.60 -23.52 0.35
CA PRO A 256 20.32 -24.50 1.18
C PRO A 256 21.59 -25.05 0.53
N GLU A 257 21.63 -25.02 -0.80
CA GLU A 257 22.82 -25.45 -1.56
C GLU A 257 23.94 -24.44 -1.41
N GLU A 258 23.59 -23.15 -1.43
CA GLU A 258 24.56 -22.06 -1.36
C GLU A 258 25.17 -21.89 0.03
N GLU A 259 24.45 -22.33 1.06
CA GLU A 259 24.95 -22.30 2.44
C GLU A 259 26.21 -23.16 2.60
N ALA A 260 26.21 -24.35 2.01
CA ALA A 260 27.31 -25.30 2.09
C ALA A 260 28.64 -24.71 1.60
N LEU A 261 28.58 -23.94 0.52
CA LEU A 261 29.78 -23.32 -0.06
C LEU A 261 30.36 -22.24 0.84
N TRP A 262 29.48 -21.36 1.35
CA TRP A 262 29.89 -20.26 2.23
C TRP A 262 30.43 -20.75 3.57
N LYS A 263 29.89 -21.86 4.07
CA LYS A 263 30.29 -22.45 5.34
C LYS A 263 31.71 -23.01 5.33
N LYS A 264 32.09 -23.61 4.21
CA LYS A 264 33.43 -24.20 4.06
C LYS A 264 34.52 -23.13 4.09
N LEU A 265 34.25 -22.01 3.40
CA LEU A 265 35.17 -20.87 3.38
C LEU A 265 35.32 -20.25 4.77
N ALA A 266 34.19 -19.99 5.43
CA ALA A 266 34.18 -19.42 6.79
C ALA A 266 34.98 -20.25 7.79
N GLU A 267 34.87 -21.58 7.70
CA GLU A 267 35.63 -22.52 8.52
C GLU A 267 37.14 -22.42 8.26
N ALA A 268 37.50 -22.23 6.99
CA ALA A 268 38.90 -22.07 6.57
C ALA A 268 39.51 -20.77 7.07
N TYR A 269 38.64 -19.79 7.36
CA TYR A 269 39.06 -18.52 7.94
C TYR A 269 39.34 -18.62 9.43
N TYR A 270 38.52 -19.41 10.14
CA TYR A 270 38.76 -19.69 11.55
C TYR A 270 40.00 -20.56 11.74
N ALA A 271 40.34 -21.29 10.68
CA ALA A 271 41.57 -22.09 10.64
C ALA A 271 42.82 -21.22 10.55
N ARG A 272 42.75 -20.18 9.73
CA ARG A 272 43.88 -19.27 9.52
C ARG A 272 44.12 -18.37 10.75
N ALA B 2 51.04 50.34 60.04
CA ALA B 2 51.53 51.76 59.97
C ALA B 2 52.85 51.94 60.71
N ALA B 3 52.91 51.42 61.94
CA ALA B 3 54.10 51.52 62.78
C ALA B 3 55.23 50.63 62.23
N LYS B 4 56.47 51.10 62.41
CA LYS B 4 57.65 50.37 61.94
C LYS B 4 57.84 49.06 62.69
N LYS B 5 57.64 47.96 61.97
CA LYS B 5 57.82 46.62 62.54
C LYS B 5 59.29 46.29 62.75
N ASP B 6 59.57 45.62 63.86
CA ASP B 6 60.93 45.20 64.18
C ASP B 6 61.17 43.79 63.63
N TYR B 7 61.73 43.73 62.42
CA TYR B 7 62.03 42.45 61.77
C TYR B 7 63.15 41.69 62.48
N TYR B 8 64.03 42.43 63.15
CA TYR B 8 65.10 41.85 63.97
C TYR B 8 64.54 41.08 65.16
N ALA B 9 63.45 41.60 65.74
CA ALA B 9 62.79 40.97 66.89
C ALA B 9 62.02 39.71 66.51
N ILE B 10 61.49 39.68 65.28
CA ILE B 10 60.74 38.54 64.77
C ILE B 10 61.67 37.37 64.45
N LEU B 11 62.85 37.67 63.91
CA LEU B 11 63.84 36.66 63.55
C LEU B 11 64.76 36.25 64.72
N GLY B 12 64.75 37.06 65.78
CA GLY B 12 65.58 36.80 66.96
C GLY B 12 67.05 37.09 66.73
N VAL B 13 67.33 38.14 65.96
CA VAL B 13 68.71 38.53 65.61
C VAL B 13 69.04 39.94 66.12
N PRO B 14 70.31 40.18 66.52
CA PRO B 14 70.76 41.50 66.95
C PRO B 14 70.70 42.55 65.84
N ARG B 15 70.65 43.82 66.23
CA ARG B 15 70.41 44.94 65.30
C ARG B 15 71.47 45.08 64.20
N ASN B 16 72.61 44.41 64.37
CA ASN B 16 73.68 44.43 63.39
C ASN B 16 74.16 43.02 63.00
N ALA B 17 73.20 42.12 62.76
CA ALA B 17 73.50 40.74 62.40
C ALA B 17 74.00 40.62 60.96
N THR B 18 74.77 39.57 60.68
CA THR B 18 75.27 39.30 59.33
C THR B 18 74.20 38.59 58.48
N GLN B 19 74.41 38.56 57.17
CA GLN B 19 73.47 37.94 56.23
C GLN B 19 73.33 36.43 56.44
N GLU B 20 74.42 35.77 56.82
CA GLU B 20 74.43 34.35 57.14
C GLU B 20 73.68 34.05 58.45
N GLU B 21 73.74 35.00 59.38
CA GLU B 21 73.07 34.87 60.68
C GLU B 21 71.56 35.00 60.53
N ILE B 22 71.12 35.83 59.58
CA ILE B 22 69.70 35.99 59.26
C ILE B 22 69.16 34.75 58.54
N LYS B 23 70.00 34.17 57.68
CA LYS B 23 69.63 32.98 56.92
C LYS B 23 69.41 31.76 57.82
N ARG B 24 70.30 31.55 58.78
CA ARG B 24 70.21 30.42 59.70
C ARG B 24 69.10 30.59 60.75
N ALA B 25 68.79 31.85 61.07
CA ALA B 25 67.70 32.17 62.01
C ALA B 25 66.35 31.95 61.35
N TYR B 26 66.30 32.15 60.04
CA TYR B 26 65.10 31.89 59.25
C TYR B 26 64.82 30.39 59.20
N LYS B 27 65.85 29.60 58.88
CA LYS B 27 65.74 28.14 58.81
C LYS B 27 65.28 27.54 60.14
N ARG B 28 65.81 28.08 61.24
CA ARG B 28 65.45 27.64 62.60
C ARG B 28 63.98 27.93 62.92
N LEU B 29 63.51 29.12 62.54
CA LEU B 29 62.14 29.54 62.83
C LEU B 29 61.12 29.08 61.79
N ALA B 30 61.59 28.84 60.56
CA ALA B 30 60.72 28.34 59.49
C ALA B 30 60.32 26.89 59.71
N ARG B 31 61.26 26.09 60.23
CA ARG B 31 61.01 24.67 60.53
C ARG B 31 60.26 24.48 61.84
N GLN B 32 60.10 25.57 62.60
CA GLN B 32 59.36 25.56 63.86
C GLN B 32 57.88 25.91 63.64
N TYR B 33 57.63 26.82 62.69
CA TYR B 33 56.27 27.31 62.42
C TYR B 33 55.76 26.94 61.02
N HIS B 34 56.43 25.99 60.37
CA HIS B 34 56.05 25.54 59.03
C HIS B 34 54.69 24.84 59.02
N PRO B 35 53.86 25.10 58.00
CA PRO B 35 52.54 24.52 57.78
C PRO B 35 52.35 23.07 58.21
N ASP B 36 53.08 22.16 57.57
CA ASP B 36 52.85 20.71 57.75
C ASP B 36 53.52 20.09 58.98
N VAL B 37 54.36 20.85 59.67
CA VAL B 37 55.01 20.36 60.90
C VAL B 37 54.39 20.95 62.18
N ASN B 38 53.78 22.13 62.05
CA ASN B 38 53.11 22.79 63.15
C ASN B 38 51.67 23.13 62.76
N LYS B 39 50.72 22.43 63.39
CA LYS B 39 49.30 22.59 63.07
C LYS B 39 48.58 23.55 64.04
N SER B 40 49.22 24.68 64.32
CA SER B 40 48.68 25.67 65.25
C SER B 40 48.11 26.89 64.52
N PRO B 41 47.00 27.46 65.05
CA PRO B 41 46.41 28.67 64.47
C PRO B 41 47.29 29.90 64.67
N GLU B 42 48.08 29.90 65.75
CA GLU B 42 49.02 31.00 66.03
C GLU B 42 50.23 30.93 65.13
N ALA B 43 50.59 29.71 64.72
CA ALA B 43 51.74 29.47 63.83
C ALA B 43 51.51 30.04 62.43
N GLU B 44 50.24 30.27 62.08
CA GLU B 44 49.86 30.84 60.80
C GLU B 44 50.40 32.27 60.63
N GLU B 45 50.11 33.11 61.63
CA GLU B 45 50.54 34.51 61.63
C GLU B 45 52.05 34.62 61.85
N LYS B 46 52.57 33.83 62.78
CA LYS B 46 54.01 33.81 63.09
C LYS B 46 54.87 33.45 61.89
N PHE B 47 54.45 32.44 61.14
CA PHE B 47 55.17 31.99 59.94
C PHE B 47 55.06 33.01 58.80
N LYS B 48 53.93 33.73 58.77
CA LYS B 48 53.73 34.83 57.81
C LYS B 48 54.64 36.00 58.16
N GLU B 49 54.80 36.24 59.47
CA GLU B 49 55.69 37.29 59.99
C GLU B 49 57.15 37.04 59.61
N ILE B 50 57.59 35.80 59.81
CA ILE B 50 58.97 35.38 59.51
C ILE B 50 59.26 35.48 58.00
N ASN B 51 58.29 35.07 57.18
CA ASN B 51 58.38 35.19 55.73
C ASN B 51 58.47 36.64 55.26
N GLU B 52 57.75 37.52 55.94
CA GLU B 52 57.79 38.95 55.66
C GLU B 52 59.15 39.53 56.04
N ALA B 53 59.67 39.12 57.20
CA ALA B 53 60.97 39.56 57.68
C ALA B 53 62.08 39.14 56.74
N TYR B 54 62.21 37.84 56.51
CA TYR B 54 63.28 37.27 55.68
C TYR B 54 63.31 37.85 54.27
N ALA B 55 62.14 38.08 53.68
CA ALA B 55 62.03 38.66 52.34
C ALA B 55 62.68 40.04 52.27
N VAL B 56 62.52 40.82 53.33
CA VAL B 56 63.12 42.15 53.43
C VAL B 56 64.58 42.06 53.84
N MSE B 57 64.87 41.16 54.79
CA MSE B 57 66.18 41.08 55.41
C MSE B 57 67.25 40.37 54.59
O MSE B 57 68.42 40.76 54.62
CB MSE B 57 66.08 40.44 56.80
CG MSE B 57 65.17 41.20 57.77
SE MSE B 57 66.00 42.73 58.63
CE MSE B 57 67.25 41.76 59.76
N SER B 58 66.85 39.33 53.85
CA SER B 58 67.80 38.49 53.08
C SER B 58 68.57 39.25 52.00
N ASP B 59 67.90 40.18 51.32
CA ASP B 59 68.55 41.03 50.32
C ASP B 59 69.17 42.25 51.00
N PRO B 60 70.50 42.45 50.82
CA PRO B 60 71.22 43.57 51.41
C PRO B 60 70.67 44.93 50.97
N GLU B 61 70.28 45.04 49.70
CA GLU B 61 69.67 46.24 49.16
C GLU B 61 68.33 46.56 49.83
N LYS B 62 67.54 45.52 50.07
CA LYS B 62 66.22 45.66 50.71
C LYS B 62 66.35 45.92 52.22
N ARG B 63 67.38 45.34 52.84
CA ARG B 63 67.62 45.49 54.27
C ARG B 63 68.06 46.91 54.62
N ARG B 64 68.92 47.49 53.78
CA ARG B 64 69.39 48.86 53.96
C ARG B 64 68.23 49.86 53.86
N ILE B 65 67.32 49.61 52.93
CA ILE B 65 66.10 50.41 52.77
C ILE B 65 65.27 50.39 54.06
N TYR B 66 65.18 49.24 54.70
CA TYR B 66 64.47 49.09 55.97
C TYR B 66 65.18 49.81 57.12
N ASP B 67 66.52 49.77 57.09
CA ASP B 67 67.33 50.41 58.13
C ASP B 67 67.28 51.94 58.06
N THR B 68 67.23 52.48 56.84
CA THR B 68 67.29 53.93 56.61
C THR B 68 65.89 54.58 56.51
N TYR B 69 64.85 53.81 56.83
CA TYR B 69 63.48 54.31 56.76
C TYR B 69 63.04 54.94 58.08
N GLY B 70 62.46 56.14 57.98
CA GLY B 70 61.96 56.87 59.14
C GLY B 70 62.75 58.10 59.49
N THR B 71 64.06 58.05 59.25
CA THR B 71 64.99 59.13 59.60
C THR B 71 64.90 60.33 58.64
N THR B 72 65.29 61.50 59.13
CA THR B 72 65.28 62.73 58.35
C THR B 72 66.61 62.91 57.60
N GLU B 73 66.84 62.01 56.64
CA GLU B 73 68.03 62.08 55.79
C GLU B 73 67.60 62.22 54.32
N ALA B 74 68.48 61.84 53.39
CA ALA B 74 68.16 61.91 51.97
C ALA B 74 67.10 60.88 51.59
N PRO B 75 65.94 61.35 51.08
CA PRO B 75 64.81 60.48 50.78
C PRO B 75 64.94 59.78 49.42
N PRO B 76 65.11 58.44 49.43
CA PRO B 76 65.33 57.69 48.20
C PRO B 76 64.07 57.07 47.60
N PRO B 77 63.78 57.40 46.33
CA PRO B 77 62.73 56.70 45.58
C PRO B 77 63.18 55.28 45.24
N PRO B 78 62.23 54.31 45.24
CA PRO B 78 62.49 52.92 44.84
C PRO B 78 63.26 52.79 43.52
N PRO B 79 64.22 51.84 43.45
CA PRO B 79 65.10 51.60 42.30
C PRO B 79 64.37 51.40 40.96
N PRO B 80 65.03 51.79 39.84
CA PRO B 80 64.44 51.69 38.49
C PRO B 80 63.95 50.29 38.14
N GLY B 81 64.68 49.26 38.57
CA GLY B 81 64.31 47.88 38.26
C GLY B 81 63.17 47.33 39.10
N GLY B 82 62.88 48.00 40.21
CA GLY B 82 61.84 47.55 41.14
C GLY B 82 62.37 46.54 42.13
N TYR B 83 61.48 45.99 42.95
CA TYR B 83 61.85 45.00 43.97
C TYR B 83 61.44 43.59 43.55
N ASP B 84 62.34 42.64 43.74
CA ASP B 84 62.10 41.23 43.41
C ASP B 84 61.73 40.45 44.66
N PHE B 85 60.45 40.08 44.77
CA PHE B 85 59.95 39.29 45.88
C PHE B 85 59.39 37.94 45.42
N SER B 86 60.12 37.29 44.51
CA SER B 86 59.68 36.03 43.93
C SER B 86 59.62 34.90 44.95
N GLY B 87 58.44 34.31 45.11
CA GLY B 87 58.21 33.22 46.05
C GLY B 87 57.65 33.67 47.40
N PHE B 88 57.03 34.84 47.42
CA PHE B 88 56.42 35.38 48.63
C PHE B 88 55.01 35.92 48.37
N ASP B 89 54.08 35.55 49.24
CA ASP B 89 52.73 36.10 49.21
C ASP B 89 52.79 37.55 49.67
N VAL B 90 53.01 38.44 48.71
CA VAL B 90 53.29 39.85 48.98
C VAL B 90 52.06 40.62 49.49
N GLU B 91 50.91 40.33 48.89
CA GLU B 91 49.66 41.01 49.28
C GLU B 91 49.23 40.63 50.70
N ASP B 92 49.54 39.39 51.10
CA ASP B 92 49.19 38.87 52.43
C ASP B 92 49.92 39.57 53.57
N PHE B 93 51.04 40.21 53.25
CA PHE B 93 51.88 40.87 54.27
C PHE B 93 51.22 42.11 54.88
N SER B 94 51.87 42.67 55.89
CA SER B 94 51.37 43.86 56.60
C SER B 94 51.43 45.12 55.75
N GLU B 95 50.79 46.19 56.23
CA GLU B 95 50.71 47.45 55.51
C GLU B 95 52.02 48.25 55.54
N PHE B 96 52.79 48.09 56.63
CA PHE B 96 54.10 48.72 56.76
C PHE B 96 55.01 48.28 55.62
N PHE B 97 54.99 46.98 55.33
CA PHE B 97 55.69 46.41 54.19
C PHE B 97 55.12 46.96 52.88
N GLN B 98 53.80 47.06 52.81
CA GLN B 98 53.10 47.52 51.61
C GLN B 98 53.35 49.00 51.29
N GLU B 99 53.76 49.77 52.29
CA GLU B 99 54.01 51.21 52.13
C GLU B 99 55.42 51.51 51.63
N LEU B 100 56.41 50.77 52.14
CA LEU B 100 57.80 51.01 51.80
C LEU B 100 58.20 50.39 50.46
N PHE B 101 57.68 49.20 50.17
CA PHE B 101 58.02 48.47 48.96
C PHE B 101 56.96 48.57 47.85
N GLY B 102 55.77 49.04 48.23
CA GLY B 102 54.65 49.22 47.30
C GLY B 102 54.99 49.83 45.95
N PRO B 103 55.72 50.97 45.94
CA PRO B 103 56.09 51.62 44.68
C PRO B 103 57.02 50.81 43.77
N GLY B 104 57.73 49.83 44.32
CA GLY B 104 58.65 49.01 43.52
C GLY B 104 58.08 47.66 43.08
N LEU B 105 56.84 47.39 43.45
CA LEU B 105 56.20 46.10 43.19
C LEU B 105 55.48 46.04 41.84
N PHE B 106 55.56 44.88 41.19
CA PHE B 106 54.82 44.64 39.96
C PHE B 106 53.43 44.07 40.26
N GLY B 107 52.51 44.22 39.32
CA GLY B 107 51.15 43.67 39.48
C GLY B 107 51.10 42.18 39.20
N LYS B 108 49.90 41.62 39.14
CA LYS B 108 49.73 40.21 38.81
C LYS B 108 50.30 39.94 37.41
N GLY B 109 51.07 38.87 37.28
CA GLY B 109 51.75 38.54 36.04
C GLY B 109 50.80 38.22 34.91
N ARG B 110 51.31 38.27 33.69
CA ARG B 110 50.55 37.88 32.50
C ARG B 110 50.36 36.38 32.42
N ASP B 111 49.24 35.97 31.85
CA ASP B 111 48.96 34.56 31.63
C ASP B 111 49.76 34.07 30.44
N LEU B 112 50.30 32.87 30.55
CA LEU B 112 50.96 32.20 29.43
C LEU B 112 49.95 31.33 28.72
N ARG B 113 49.81 31.55 27.42
CA ARG B 113 48.87 30.79 26.62
C ARG B 113 49.63 29.90 25.65
N ALA B 114 49.27 28.62 25.63
CA ALA B 114 49.93 27.65 24.76
C ALA B 114 48.96 26.55 24.34
N GLU B 115 49.37 25.76 23.36
CA GLU B 115 48.59 24.61 22.92
C GLU B 115 49.12 23.33 23.54
N LEU B 116 48.22 22.41 23.87
CA LEU B 116 48.58 21.09 24.39
C LEU B 116 48.15 20.00 23.39
N PRO B 117 49.05 19.61 22.47
CA PRO B 117 48.74 18.57 21.49
C PRO B 117 48.70 17.18 22.11
N LEU B 118 47.55 16.52 22.01
CA LEU B 118 47.35 15.19 22.59
C LEU B 118 46.82 14.20 21.57
N THR B 119 47.28 12.95 21.66
CA THR B 119 46.74 11.86 20.86
C THR B 119 45.44 11.37 21.48
N LEU B 120 44.61 10.68 20.70
CA LEU B 120 43.33 10.17 21.20
C LEU B 120 43.45 9.34 22.47
N GLU B 121 44.44 8.43 22.49
CA GLU B 121 44.69 7.59 23.67
C GLU B 121 45.18 8.39 24.87
N GLU B 122 45.97 9.43 24.61
CA GLU B 122 46.44 10.32 25.68
C GLU B 122 45.29 11.12 26.28
N ALA B 123 44.43 11.65 25.42
CA ALA B 123 43.24 12.39 25.82
C ALA B 123 42.22 11.49 26.49
N PHE B 124 42.12 10.25 26.01
CA PHE B 124 41.20 9.27 26.56
C PHE B 124 41.47 9.03 28.04
N HIS B 125 42.72 8.68 28.37
CA HIS B 125 43.09 8.28 29.72
C HIS B 125 43.20 9.44 30.71
N GLY B 126 43.71 10.58 30.25
CA GLY B 126 43.94 11.73 31.11
C GLY B 126 44.97 11.45 32.19
N GLY B 127 44.97 12.29 33.23
CA GLY B 127 45.85 12.09 34.37
C GLY B 127 46.92 13.16 34.50
N GLU B 128 48.06 12.79 35.06
CA GLU B 128 49.18 13.71 35.25
C GLU B 128 50.05 13.77 34.01
N ARG B 129 50.35 14.99 33.57
CA ARG B 129 51.20 15.23 32.41
C ARG B 129 52.23 16.30 32.72
N VAL B 130 53.46 16.06 32.26
CA VAL B 130 54.51 17.07 32.34
C VAL B 130 54.66 17.77 30.99
N VAL B 131 54.67 19.10 31.00
CA VAL B 131 54.63 19.89 29.78
C VAL B 131 55.73 20.96 29.77
N GLU B 132 56.34 21.17 28.61
CA GLU B 132 57.27 22.28 28.44
C GLU B 132 56.60 23.44 27.69
N VAL B 133 56.47 24.58 28.38
CA VAL B 133 56.03 25.82 27.74
C VAL B 133 57.05 26.92 28.00
N ALA B 134 57.31 27.72 26.97
CA ALA B 134 58.39 28.71 26.95
C ALA B 134 59.72 28.04 27.29
N GLY B 135 60.04 27.98 28.58
CA GLY B 135 61.27 27.33 29.02
C GLY B 135 61.07 26.27 30.08
N ARG B 136 60.08 26.47 30.95
CA ARG B 136 59.93 25.63 32.14
C ARG B 136 59.03 24.41 31.94
N ARG B 137 59.25 23.40 32.78
CA ARG B 137 58.42 22.21 32.83
C ARG B 137 57.31 22.44 33.86
N VAL B 138 56.11 21.96 33.54
CA VAL B 138 54.96 22.11 34.43
C VAL B 138 54.17 20.81 34.49
N SER B 139 53.84 20.39 35.71
CA SER B 139 52.92 19.28 35.92
C SER B 139 51.49 19.78 35.82
N VAL B 140 50.62 18.97 35.22
CA VAL B 140 49.20 19.32 35.07
C VAL B 140 48.27 18.10 35.08
N ARG B 141 47.33 18.08 36.02
CA ARG B 141 46.30 17.05 36.06
C ARG B 141 45.31 17.26 34.92
N MSE B 142 44.72 16.17 34.45
CA MSE B 142 43.96 16.20 33.22
C MSE B 142 42.78 15.22 33.29
O MSE B 142 42.98 14.03 33.54
CB MSE B 142 44.87 15.82 32.05
CG MSE B 142 44.51 16.42 30.73
SE MSE B 142 46.03 16.24 29.52
CE MSE B 142 46.11 14.30 29.34
N PRO B 143 41.55 15.73 33.08
CA PRO B 143 40.36 14.90 33.15
C PRO B 143 40.32 13.90 31.99
N PRO B 144 39.94 12.64 32.27
CA PRO B 144 39.80 11.67 31.19
C PRO B 144 38.75 12.12 30.18
N GLY B 145 39.05 11.92 28.91
CA GLY B 145 38.12 12.30 27.83
C GLY B 145 38.14 13.77 27.48
N VAL B 146 39.24 14.44 27.80
CA VAL B 146 39.44 15.85 27.47
C VAL B 146 39.41 16.05 25.95
N ARG B 147 38.84 17.18 25.51
CA ARG B 147 38.50 17.38 24.10
C ARG B 147 39.24 18.55 23.45
N GLU B 148 39.11 18.65 22.12
CA GLU B 148 39.54 19.83 21.36
C GLU B 148 39.03 21.09 22.03
N GLY B 149 39.88 22.12 22.07
CA GLY B 149 39.48 23.43 22.58
C GLY B 149 39.24 23.51 24.08
N SER B 150 39.45 22.41 24.81
CA SER B 150 39.30 22.41 26.26
C SER B 150 40.42 23.21 26.92
N VAL B 151 40.06 24.00 27.92
CA VAL B 151 40.99 24.88 28.61
C VAL B 151 41.42 24.29 29.95
N ILE B 152 42.73 24.20 30.15
CA ILE B 152 43.30 23.69 31.40
C ILE B 152 44.09 24.80 32.10
N ARG B 153 43.44 25.51 33.03
CA ARG B 153 44.10 26.58 33.78
C ARG B 153 45.01 26.03 34.88
N VAL B 154 46.32 26.27 34.74
CA VAL B 154 47.29 25.93 35.76
C VAL B 154 47.69 27.20 36.52
N PRO B 155 47.12 27.40 37.72
CA PRO B 155 47.29 28.67 38.43
C PRO B 155 48.70 28.88 38.99
N GLY B 156 49.20 30.11 38.87
CA GLY B 156 50.49 30.48 39.42
C GLY B 156 51.69 30.08 38.58
N MSE B 157 51.43 29.54 37.39
CA MSE B 157 52.50 29.06 36.52
C MSE B 157 52.61 29.89 35.24
O MSE B 157 53.02 29.38 34.18
CB MSE B 157 52.31 27.57 36.21
CG MSE B 157 52.34 26.65 37.43
SE MSE B 157 53.98 26.74 38.49
CE MSE B 157 55.22 25.94 37.21
N GLY B 158 52.24 31.16 35.34
CA GLY B 158 52.32 32.10 34.21
C GLY B 158 53.53 32.99 34.30
N GLY B 159 53.35 34.27 34.01
CA GLY B 159 54.43 35.25 34.05
C GLY B 159 54.81 35.67 35.47
N GLN B 160 55.92 36.39 35.59
CA GLN B 160 56.39 36.91 36.87
C GLN B 160 55.45 37.99 37.37
N GLY B 161 55.21 38.01 38.68
CA GLY B 161 54.39 39.07 39.27
C GLY B 161 54.04 38.87 40.74
N ASN B 162 53.23 39.79 41.26
CA ASN B 162 52.70 39.70 42.61
C ASN B 162 51.18 39.64 42.62
N PRO B 163 50.60 38.44 42.50
CA PRO B 163 51.24 37.13 42.34
C PRO B 163 51.54 36.80 40.87
N PRO B 164 52.17 35.63 40.59
CA PRO B 164 52.34 35.22 39.21
C PRO B 164 51.02 34.99 38.50
N GLY B 165 51.04 35.03 37.17
CA GLY B 165 49.85 34.76 36.36
C GLY B 165 49.60 33.26 36.25
N ASP B 166 48.75 32.90 35.28
CA ASP B 166 48.38 31.51 35.09
C ASP B 166 48.82 30.94 33.75
N LEU B 167 49.03 29.63 33.71
CA LEU B 167 49.24 28.91 32.46
C LEU B 167 47.87 28.49 31.94
N LEU B 168 47.59 28.84 30.69
CA LEU B 168 46.34 28.44 30.04
C LEU B 168 46.65 27.58 28.83
N LEU B 169 46.37 26.28 28.97
CA LEU B 169 46.60 25.34 27.89
C LEU B 169 45.29 25.04 27.16
N VAL B 170 45.35 25.04 25.83
CA VAL B 170 44.23 24.59 25.01
C VAL B 170 44.56 23.25 24.34
N VAL B 171 43.71 22.26 24.60
CA VAL B 171 43.91 20.93 24.04
C VAL B 171 43.64 20.93 22.54
N ARG B 172 44.62 20.44 21.79
CA ARG B 172 44.47 20.19 20.36
C ARG B 172 44.56 18.69 20.14
N MSE B 173 43.67 18.17 19.31
CA MSE B 173 43.67 16.73 19.02
C MSE B 173 44.46 16.40 17.77
O MSE B 173 44.20 16.92 16.69
CB MSE B 173 42.24 16.18 18.93
CG MSE B 173 42.15 14.72 19.31
SE MSE B 173 42.52 14.44 21.21
CE MSE B 173 40.85 15.13 21.95
N LEU B 174 45.44 15.52 17.95
CA LEU B 174 46.23 14.98 16.84
C LEU B 174 45.41 13.96 16.06
N PRO B 175 45.50 14.00 14.71
CA PRO B 175 44.77 13.04 13.88
C PRO B 175 45.18 11.60 14.16
N HIS B 176 44.22 10.69 14.11
CA HIS B 176 44.45 9.28 14.43
C HIS B 176 44.37 8.41 13.16
N PRO B 177 45.25 7.40 13.05
CA PRO B 177 45.25 6.49 11.90
C PRO B 177 44.01 5.62 11.75
N VAL B 178 43.27 5.39 12.84
CA VAL B 178 42.11 4.47 12.78
C VAL B 178 40.79 5.05 13.30
N PHE B 179 40.83 5.72 14.45
CA PHE B 179 39.62 6.27 15.06
C PHE B 179 39.35 7.73 14.69
N ARG B 180 38.06 8.08 14.64
CA ARG B 180 37.62 9.43 14.34
C ARG B 180 36.67 9.91 15.45
N LEU B 181 37.01 11.03 16.08
CA LEU B 181 36.20 11.59 17.17
C LEU B 181 35.15 12.55 16.63
N GLU B 182 33.94 12.45 17.15
CA GLU B 182 32.89 13.42 16.86
C GLU B 182 32.07 13.61 18.13
N GLY B 183 32.34 14.71 18.83
CA GLY B 183 31.73 14.94 20.13
C GLY B 183 32.41 14.07 21.17
N GLN B 184 31.73 13.00 21.56
CA GLN B 184 32.28 12.01 22.48
C GLN B 184 32.22 10.62 21.86
N ASP B 185 31.65 10.53 20.67
CA ASP B 185 31.53 9.26 19.96
C ASP B 185 32.78 8.96 19.13
N LEU B 186 33.10 7.68 19.02
CA LEU B 186 34.21 7.22 18.20
C LEU B 186 33.72 6.49 16.96
N TYR B 187 34.43 6.67 15.85
CA TYR B 187 34.09 6.04 14.58
C TYR B 187 35.30 5.38 13.96
N ALA B 188 35.12 4.16 13.46
CA ALA B 188 36.21 3.39 12.84
C ALA B 188 35.67 2.36 11.86
N THR B 189 36.53 1.95 10.92
CA THR B 189 36.15 0.96 9.93
C THR B 189 36.53 -0.44 10.40
N LEU B 190 35.55 -1.34 10.34
CA LEU B 190 35.75 -2.73 10.71
C LEU B 190 35.83 -3.59 9.45
N ASP B 191 36.99 -4.21 9.23
CA ASP B 191 37.14 -5.18 8.15
C ASP B 191 36.50 -6.51 8.53
N VAL B 192 35.59 -6.98 7.68
CA VAL B 192 34.91 -8.27 7.89
C VAL B 192 35.00 -9.14 6.64
N PRO B 193 35.69 -10.29 6.74
CA PRO B 193 35.73 -11.25 5.64
C PRO B 193 34.34 -11.66 5.15
N ALA B 194 34.12 -11.57 3.85
CA ALA B 194 32.83 -11.88 3.21
C ALA B 194 32.14 -13.16 3.70
N PRO B 195 32.87 -14.29 3.79
CA PRO B 195 32.22 -15.53 4.25
C PRO B 195 31.69 -15.45 5.69
N ILE B 196 32.35 -14.68 6.54
CA ILE B 196 31.90 -14.48 7.92
C ILE B 196 30.65 -13.60 7.98
N ALA B 197 30.57 -12.63 7.07
CA ALA B 197 29.41 -11.74 6.98
C ALA B 197 28.12 -12.47 6.57
N VAL B 198 28.26 -13.47 5.71
CA VAL B 198 27.11 -14.24 5.22
C VAL B 198 26.58 -15.19 6.28
N VAL B 199 27.45 -16.08 6.74
CA VAL B 199 27.11 -17.09 7.76
C VAL B 199 26.83 -16.45 9.11
N GLY B 200 27.66 -15.49 9.50
CA GLY B 200 27.57 -14.89 10.83
C GLY B 200 28.59 -15.54 11.75
N GLY B 201 29.42 -14.73 12.37
CA GLY B 201 30.45 -15.23 13.28
C GLY B 201 31.01 -14.16 14.21
N LYS B 202 32.30 -14.28 14.52
CA LYS B 202 32.96 -13.32 15.40
C LYS B 202 34.19 -12.68 14.76
N VAL B 203 34.31 -11.37 14.88
CA VAL B 203 35.43 -10.61 14.34
C VAL B 203 36.19 -9.92 15.46
N ARG B 204 37.52 -9.91 15.37
CA ARG B 204 38.37 -9.21 16.34
C ARG B 204 38.43 -7.72 16.00
N ALA B 205 37.71 -6.91 16.78
CA ALA B 205 37.67 -5.47 16.60
C ALA B 205 38.61 -4.75 17.56
N MSE B 206 38.74 -3.44 17.37
CA MSE B 206 39.65 -2.62 18.20
C MSE B 206 38.96 -1.47 18.91
O MSE B 206 38.05 -0.84 18.37
CB MSE B 206 40.80 -2.08 17.35
CG MSE B 206 41.97 -3.04 17.19
SE MSE B 206 43.67 -2.08 17.07
CE MSE B 206 43.72 -1.28 18.86
N THR B 207 39.40 -1.21 20.15
CA THR B 207 38.99 -0.04 20.91
C THR B 207 40.26 0.68 21.41
N LEU B 208 40.09 1.83 22.07
CA LEU B 208 41.21 2.54 22.65
C LEU B 208 41.78 1.85 23.89
N GLU B 209 40.93 1.05 24.55
CA GLU B 209 41.34 0.24 25.69
C GLU B 209 42.19 -0.92 25.20
N GLY B 210 41.68 -1.64 24.21
CA GLY B 210 42.39 -2.78 23.61
C GLY B 210 41.58 -3.44 22.51
N PRO B 211 41.88 -4.71 22.22
CA PRO B 211 41.12 -5.46 21.21
C PRO B 211 39.92 -6.20 21.81
N VAL B 212 38.84 -6.30 21.06
CA VAL B 212 37.63 -6.99 21.50
C VAL B 212 37.07 -7.94 20.43
N GLU B 213 36.14 -8.81 20.85
CA GLU B 213 35.40 -9.67 19.92
C GLU B 213 34.03 -9.06 19.62
N VAL B 214 33.75 -8.86 18.33
CA VAL B 214 32.45 -8.33 17.90
C VAL B 214 31.68 -9.40 17.15
N ALA B 215 30.53 -9.79 17.70
CA ALA B 215 29.68 -10.79 17.08
C ALA B 215 28.90 -10.17 15.92
N VAL B 216 29.11 -10.73 14.73
CA VAL B 216 28.42 -10.26 13.53
C VAL B 216 27.28 -11.21 13.15
N PRO B 217 26.04 -10.67 13.07
CA PRO B 217 24.85 -11.46 12.71
C PRO B 217 24.89 -11.96 11.27
N PRO B 218 24.22 -13.10 10.99
CA PRO B 218 24.13 -13.64 9.63
C PRO B 218 23.49 -12.66 8.65
N ARG B 219 24.04 -12.60 7.44
CA ARG B 219 23.54 -11.75 6.35
C ARG B 219 23.57 -10.26 6.69
N THR B 220 24.73 -9.78 7.14
CA THR B 220 24.93 -8.34 7.41
C THR B 220 25.65 -7.67 6.25
N GLN B 221 24.93 -6.80 5.55
CA GLN B 221 25.46 -6.07 4.39
C GLN B 221 26.57 -5.10 4.75
N ALA B 222 27.39 -4.75 3.77
CA ALA B 222 28.39 -3.70 3.91
C ALA B 222 27.68 -2.39 4.20
N GLY B 223 28.29 -1.56 5.05
CA GLY B 223 27.68 -0.29 5.43
C GLY B 223 26.85 -0.39 6.70
N ARG B 224 26.60 -1.61 7.17
CA ARG B 224 25.95 -1.82 8.45
C ARG B 224 26.84 -1.22 9.53
N LYS B 225 26.24 -0.41 10.39
CA LYS B 225 26.99 0.27 11.45
C LYS B 225 26.57 -0.31 12.79
N MSE B 226 27.55 -0.65 13.62
CA MSE B 226 27.28 -1.38 14.85
C MSE B 226 27.79 -0.66 16.08
O MSE B 226 28.96 -0.29 16.18
CB MSE B 226 27.87 -2.80 14.77
CG MSE B 226 27.30 -3.63 13.62
SE MSE B 226 28.04 -5.43 13.49
CE MSE B 226 27.25 -6.20 15.10
N ARG B 227 26.87 -0.46 17.03
CA ARG B 227 27.15 0.31 18.24
C ARG B 227 27.79 -0.57 19.32
N LEU B 228 28.92 -0.11 19.83
CA LEU B 228 29.53 -0.69 21.03
C LEU B 228 29.38 0.28 22.20
N LYS B 229 28.38 0.02 23.03
CA LYS B 229 28.00 0.92 24.14
C LYS B 229 29.18 1.26 25.05
N GLY B 230 29.34 2.56 25.30
CA GLY B 230 30.36 3.05 26.24
C GLY B 230 31.79 2.94 25.74
N GLY B 231 31.97 2.47 24.51
CA GLY B 231 33.29 2.29 23.93
C GLY B 231 33.93 3.57 23.41
N GLY B 232 33.21 4.70 23.53
CA GLY B 232 33.69 5.99 23.06
C GLY B 232 34.43 6.76 24.13
N PHE B 233 34.43 8.08 24.00
CA PHE B 233 35.12 8.98 24.93
C PHE B 233 34.37 9.19 26.24
N PRO B 234 35.08 9.08 27.37
CA PRO B 234 34.43 9.33 28.66
C PRO B 234 34.18 10.82 28.86
N GLY B 235 33.29 11.14 29.79
CA GLY B 235 33.02 12.52 30.15
C GLY B 235 32.28 12.60 31.47
N PRO B 236 32.12 13.82 32.00
CA PRO B 236 31.22 13.95 33.14
C PRO B 236 29.80 13.66 32.69
N ALA B 237 29.01 13.05 33.57
CA ALA B 237 27.58 12.77 33.31
C ALA B 237 27.29 11.84 32.12
N GLY B 238 28.31 11.23 31.53
CA GLY B 238 28.09 10.31 30.42
C GLY B 238 29.32 9.80 29.71
N ARG B 239 29.13 8.74 28.93
CA ARG B 239 30.20 8.08 28.22
C ARG B 239 29.80 7.89 26.75
N GLY B 240 30.70 8.24 25.84
CA GLY B 240 30.43 8.15 24.41
C GLY B 240 30.42 6.72 23.90
N ASP B 241 29.86 6.53 22.72
CA ASP B 241 29.78 5.21 22.10
C ASP B 241 30.87 5.02 21.04
N LEU B 242 31.09 3.77 20.65
CA LEU B 242 31.93 3.47 19.49
C LEU B 242 31.04 2.93 18.37
N TYR B 243 31.25 3.44 17.17
CA TYR B 243 30.54 2.97 15.99
C TYR B 243 31.51 2.40 14.97
N LEU B 244 31.33 1.11 14.66
CA LEU B 244 32.15 0.43 13.67
C LEU B 244 31.35 0.19 12.39
N GLU B 245 31.83 0.76 11.29
CA GLU B 245 31.20 0.59 9.99
C GLU B 245 31.76 -0.66 9.33
N VAL B 246 30.87 -1.57 8.94
CA VAL B 246 31.26 -2.83 8.31
C VAL B 246 31.83 -2.58 6.92
N ARG B 247 33.00 -3.16 6.68
CA ARG B 247 33.66 -3.09 5.39
C ARG B 247 34.06 -4.51 4.98
N ILE B 248 33.27 -5.08 4.07
CA ILE B 248 33.50 -6.45 3.61
C ILE B 248 34.84 -6.56 2.88
N THR B 249 35.66 -7.50 3.33
CA THR B 249 36.97 -7.73 2.72
C THR B 249 37.09 -9.12 2.09
N ILE B 250 37.88 -9.21 1.03
CA ILE B 250 38.18 -10.47 0.36
C ILE B 250 39.68 -10.78 0.40
N PRO B 251 40.06 -12.07 0.29
CA PRO B 251 41.45 -12.47 0.36
C PRO B 251 42.26 -12.06 -0.87
N GLU B 252 43.49 -11.61 -0.63
CA GLU B 252 44.39 -11.16 -1.70
C GLU B 252 45.23 -12.32 -2.25
N ARG B 253 45.17 -13.45 -1.56
CA ARG B 253 45.91 -14.67 -1.93
C ARG B 253 45.12 -15.91 -1.49
N LEU B 254 45.08 -16.93 -2.35
CA LEU B 254 44.30 -18.14 -2.08
C LEU B 254 44.99 -19.44 -2.51
N THR B 255 44.45 -20.57 -2.04
CA THR B 255 44.94 -21.89 -2.42
C THR B 255 44.15 -22.43 -3.61
N PRO B 256 44.77 -23.30 -4.44
CA PRO B 256 44.08 -23.95 -5.57
C PRO B 256 42.76 -24.62 -5.18
N GLU B 257 42.65 -25.06 -3.94
CA GLU B 257 41.42 -25.66 -3.41
C GLU B 257 40.35 -24.59 -3.18
N GLU B 258 40.77 -23.40 -2.75
CA GLU B 258 39.85 -22.30 -2.47
C GLU B 258 39.28 -21.63 -3.74
N GLU B 259 40.04 -21.69 -4.83
CA GLU B 259 39.58 -21.15 -6.12
C GLU B 259 38.26 -21.74 -6.57
N ALA B 260 38.12 -23.06 -6.42
CA ALA B 260 36.93 -23.79 -6.86
C ALA B 260 35.65 -23.34 -6.16
N LEU B 261 35.76 -23.03 -4.86
CA LEU B 261 34.61 -22.56 -4.09
C LEU B 261 34.14 -21.16 -4.50
N TRP B 262 35.10 -20.27 -4.77
CA TRP B 262 34.78 -18.93 -5.23
C TRP B 262 34.29 -18.91 -6.68
N LYS B 263 34.85 -19.81 -7.50
CA LYS B 263 34.49 -19.91 -8.92
C LYS B 263 33.04 -20.34 -9.15
N LYS B 264 32.54 -21.21 -8.28
CA LYS B 264 31.17 -21.73 -8.40
C LYS B 264 30.11 -20.65 -8.15
N LEU B 265 30.30 -19.88 -7.07
CA LEU B 265 29.40 -18.80 -6.71
C LEU B 265 29.39 -17.70 -7.78
N ALA B 266 30.57 -17.35 -8.26
CA ALA B 266 30.71 -16.36 -9.33
C ALA B 266 29.91 -16.73 -10.59
N GLU B 267 29.99 -18.00 -10.98
CA GLU B 267 29.27 -18.51 -12.15
C GLU B 267 27.76 -18.62 -11.91
N ALA B 268 27.37 -18.75 -10.65
CA ALA B 268 25.96 -18.74 -10.26
C ALA B 268 25.39 -17.32 -10.26
N TYR B 269 26.29 -16.32 -10.24
CA TYR B 269 25.90 -14.92 -10.33
C TYR B 269 25.77 -14.44 -11.78
N TYR B 270 26.66 -14.90 -12.66
CA TYR B 270 26.54 -14.60 -14.09
C TYR B 270 25.27 -15.23 -14.65
N ALA B 271 24.87 -16.34 -14.05
CA ALA B 271 23.64 -17.04 -14.41
C ALA B 271 22.38 -16.30 -13.94
N ARG B 272 22.48 -15.62 -12.80
CA ARG B 272 21.33 -14.91 -12.22
C ARG B 272 20.89 -13.73 -13.10
N ALA C 2 -8.08 18.26 -41.58
CA ALA C 2 -6.93 17.74 -42.37
C ALA C 2 -5.68 18.57 -42.13
N ALA C 3 -5.82 19.91 -42.19
CA ALA C 3 -4.71 20.83 -41.96
C ALA C 3 -4.35 20.85 -40.48
N LYS C 4 -3.05 20.90 -40.20
CA LYS C 4 -2.55 20.84 -38.82
C LYS C 4 -2.96 22.06 -38.01
N LYS C 5 -3.87 21.82 -37.07
CA LYS C 5 -4.32 22.85 -36.14
C LYS C 5 -3.17 23.28 -35.23
N ASP C 6 -3.16 24.56 -34.86
CA ASP C 6 -2.20 25.08 -33.90
C ASP C 6 -2.86 25.13 -32.53
N TYR C 7 -2.69 24.07 -31.76
CA TYR C 7 -3.27 23.98 -30.42
C TYR C 7 -2.62 24.96 -29.44
N TYR C 8 -1.42 25.43 -29.81
CA TYR C 8 -0.72 26.43 -29.01
C TYR C 8 -1.35 27.81 -29.20
N ALA C 9 -1.81 28.08 -30.42
CA ALA C 9 -2.48 29.33 -30.72
C ALA C 9 -3.88 29.38 -30.10
N ILE C 10 -4.54 28.22 -30.09
CA ILE C 10 -5.89 28.10 -29.53
C ILE C 10 -5.91 28.38 -28.03
N LEU C 11 -4.92 27.84 -27.32
CA LEU C 11 -4.82 28.02 -25.87
C LEU C 11 -4.02 29.25 -25.45
N GLY C 12 -3.46 29.96 -26.43
CA GLY C 12 -2.71 31.20 -26.17
C GLY C 12 -1.42 31.01 -25.40
N VAL C 13 -0.77 29.87 -25.61
CA VAL C 13 0.51 29.56 -24.95
C VAL C 13 1.62 29.36 -25.99
N PRO C 14 2.87 29.69 -25.63
CA PRO C 14 4.00 29.53 -26.54
C PRO C 14 4.28 28.06 -26.89
N ARG C 15 5.00 27.87 -27.99
CA ARG C 15 5.26 26.55 -28.57
C ARG C 15 5.95 25.57 -27.62
N ASN C 16 6.58 26.10 -26.57
CA ASN C 16 7.32 25.29 -25.60
C ASN C 16 6.80 25.44 -24.16
N ALA C 17 5.47 25.44 -24.00
CA ALA C 17 4.82 25.61 -22.70
C ALA C 17 4.91 24.38 -21.82
N THR C 18 4.81 24.56 -20.51
CA THR C 18 4.77 23.44 -19.56
C THR C 18 3.34 22.90 -19.43
N GLN C 19 3.23 21.69 -18.89
CA GLN C 19 1.93 21.05 -18.68
C GLN C 19 1.05 21.85 -17.72
N GLU C 20 1.66 22.38 -16.66
CA GLU C 20 0.97 23.25 -15.71
C GLU C 20 0.53 24.57 -16.35
N GLU C 21 1.38 25.11 -17.22
CA GLU C 21 1.09 26.36 -17.90
C GLU C 21 -0.09 26.20 -18.87
N ILE C 22 -0.20 25.02 -19.47
CA ILE C 22 -1.34 24.66 -20.32
C ILE C 22 -2.61 24.54 -19.47
N LYS C 23 -2.48 23.90 -18.31
CA LYS C 23 -3.61 23.68 -17.39
C LYS C 23 -4.28 24.99 -16.97
N ARG C 24 -3.47 25.95 -16.54
CA ARG C 24 -3.98 27.25 -16.08
C ARG C 24 -4.54 28.10 -17.22
N ALA C 25 -4.00 27.91 -18.42
CA ALA C 25 -4.50 28.56 -19.62
C ALA C 25 -5.88 28.01 -20.00
N TYR C 26 -6.05 26.70 -19.79
CA TYR C 26 -7.34 26.04 -20.00
C TYR C 26 -8.39 26.62 -19.05
N LYS C 27 -8.10 26.58 -17.75
CA LYS C 27 -9.00 27.11 -16.71
C LYS C 27 -9.45 28.53 -17.01
N ARG C 28 -8.50 29.39 -17.39
CA ARG C 28 -8.77 30.79 -17.72
C ARG C 28 -9.71 30.92 -18.91
N LEU C 29 -9.44 30.17 -19.96
CA LEU C 29 -10.22 30.22 -21.19
C LEU C 29 -11.56 29.50 -21.09
N ALA C 30 -11.60 28.45 -20.27
CA ALA C 30 -12.83 27.68 -20.06
C ALA C 30 -13.86 28.50 -19.28
N ARG C 31 -13.37 29.28 -18.32
CA ARG C 31 -14.23 30.16 -17.54
C ARG C 31 -14.65 31.39 -18.34
N GLN C 32 -14.13 31.51 -19.57
CA GLN C 32 -14.47 32.62 -20.46
C GLN C 32 -15.50 32.23 -21.52
N TYR C 33 -15.43 31.00 -21.99
CA TYR C 33 -16.32 30.53 -23.06
C TYR C 33 -17.29 29.41 -22.64
N HIS C 34 -17.39 29.17 -21.34
CA HIS C 34 -18.25 28.11 -20.81
C HIS C 34 -19.72 28.38 -21.13
N PRO C 35 -20.44 27.35 -21.65
CA PRO C 35 -21.82 27.44 -22.11
C PRO C 35 -22.79 28.18 -21.18
N ASP C 36 -22.62 28.05 -19.87
CA ASP C 36 -23.52 28.71 -18.92
C ASP C 36 -23.00 30.04 -18.36
N VAL C 37 -21.79 30.42 -18.77
CA VAL C 37 -21.25 31.75 -18.40
C VAL C 37 -21.10 32.67 -19.62
N ASN C 38 -21.13 32.07 -20.81
CA ASN C 38 -21.09 32.81 -22.07
C ASN C 38 -22.08 32.19 -23.05
N LYS C 39 -23.14 32.93 -23.34
CA LYS C 39 -24.27 32.41 -24.13
C LYS C 39 -24.18 32.74 -25.63
N SER C 40 -22.97 33.06 -26.09
CA SER C 40 -22.74 33.42 -27.49
C SER C 40 -22.76 32.21 -28.42
N PRO C 41 -23.31 32.39 -29.65
CA PRO C 41 -23.21 31.35 -30.69
C PRO C 41 -21.76 31.13 -31.12
N GLU C 42 -20.95 32.18 -31.05
CA GLU C 42 -19.52 32.11 -31.32
C GLU C 42 -18.79 31.34 -30.23
N ALA C 43 -19.30 31.43 -29.00
CA ALA C 43 -18.67 30.79 -27.84
C ALA C 43 -18.74 29.26 -27.89
N GLU C 44 -19.78 28.74 -28.51
CA GLU C 44 -19.97 27.30 -28.66
C GLU C 44 -18.76 26.64 -29.34
N GLU C 45 -18.35 27.20 -30.48
CA GLU C 45 -17.22 26.67 -31.24
C GLU C 45 -15.89 26.89 -30.54
N LYS C 46 -15.66 28.11 -30.05
CA LYS C 46 -14.44 28.46 -29.31
C LYS C 46 -14.20 27.53 -28.12
N PHE C 47 -15.26 27.18 -27.40
CA PHE C 47 -15.16 26.28 -26.25
C PHE C 47 -14.87 24.84 -26.67
N LYS C 48 -15.47 24.43 -27.78
CA LYS C 48 -15.24 23.11 -28.38
C LYS C 48 -13.78 22.97 -28.82
N GLU C 49 -13.25 24.04 -29.42
CA GLU C 49 -11.86 24.13 -29.85
C GLU C 49 -10.90 23.94 -28.68
N ILE C 50 -11.19 24.66 -27.59
CA ILE C 50 -10.36 24.65 -26.38
C ILE C 50 -10.28 23.25 -25.74
N ASN C 51 -11.44 22.58 -25.66
CA ASN C 51 -11.49 21.22 -25.13
C ASN C 51 -10.63 20.23 -25.92
N GLU C 52 -10.68 20.37 -27.25
CA GLU C 52 -9.89 19.55 -28.15
C GLU C 52 -8.40 19.81 -27.94
N ALA C 53 -8.04 21.08 -27.87
CA ALA C 53 -6.67 21.49 -27.60
C ALA C 53 -6.17 20.85 -26.31
N TYR C 54 -6.89 21.10 -25.22
CA TYR C 54 -6.53 20.57 -23.91
C TYR C 54 -6.56 19.04 -23.83
N ALA C 55 -7.45 18.41 -24.58
CA ALA C 55 -7.51 16.95 -24.63
C ALA C 55 -6.19 16.34 -25.11
N VAL C 56 -5.58 17.01 -26.09
CA VAL C 56 -4.32 16.56 -26.67
C VAL C 56 -3.12 16.99 -25.82
N MSE C 57 -3.18 18.21 -25.28
CA MSE C 57 -2.02 18.83 -24.63
C MSE C 57 -1.86 18.46 -23.15
O MSE C 57 -0.75 18.52 -22.62
CB MSE C 57 -2.07 20.35 -24.83
CG MSE C 57 -2.27 20.75 -26.28
SE MSE C 57 -0.62 20.99 -27.29
CE MSE C 57 -0.46 22.90 -26.96
N SER C 58 -2.95 18.10 -22.49
CA SER C 58 -2.91 17.73 -21.07
C SER C 58 -2.11 16.45 -20.83
N ASP C 59 -2.14 15.56 -21.82
CA ASP C 59 -1.35 14.33 -21.79
C ASP C 59 -0.05 14.55 -22.56
N PRO C 60 1.10 14.38 -21.88
CA PRO C 60 2.41 14.59 -22.50
C PRO C 60 2.67 13.61 -23.65
N GLU C 61 2.17 12.38 -23.50
CA GLU C 61 2.25 11.36 -24.55
C GLU C 61 1.52 11.80 -25.81
N LYS C 62 0.30 12.32 -25.64
CA LYS C 62 -0.52 12.77 -26.75
C LYS C 62 0.02 14.06 -27.36
N ARG C 63 0.55 14.93 -26.51
CA ARG C 63 1.19 16.18 -26.94
C ARG C 63 2.36 15.89 -27.87
N ARG C 64 3.17 14.89 -27.51
CA ARG C 64 4.33 14.50 -28.29
C ARG C 64 3.92 13.89 -29.64
N ILE C 65 2.81 13.16 -29.66
CA ILE C 65 2.23 12.65 -30.91
C ILE C 65 1.89 13.83 -31.83
N TYR C 66 1.26 14.85 -31.26
CA TYR C 66 0.86 16.06 -31.99
C TYR C 66 2.05 16.88 -32.50
N ASP C 67 3.04 17.11 -31.63
CA ASP C 67 4.22 17.90 -31.99
C ASP C 67 5.02 17.26 -33.12
N THR C 68 5.19 15.95 -33.05
CA THR C 68 6.03 15.21 -34.00
C THR C 68 5.32 14.88 -35.32
N TYR C 69 4.00 15.05 -35.36
CA TYR C 69 3.22 14.75 -36.55
C TYR C 69 3.59 15.65 -37.74
N GLY C 70 3.83 15.02 -38.88
CA GLY C 70 4.15 15.74 -40.11
C GLY C 70 5.63 16.02 -40.28
N THR C 71 6.41 15.75 -39.23
CA THR C 71 7.85 15.96 -39.24
C THR C 71 8.60 14.64 -39.48
N THR C 72 9.90 14.74 -39.72
CA THR C 72 10.75 13.55 -39.93
C THR C 72 10.92 12.74 -38.64
N GLU C 73 10.71 13.39 -37.50
CA GLU C 73 10.74 12.72 -36.20
C GLU C 73 9.52 11.81 -36.08
N ALA C 74 9.77 10.51 -35.88
CA ALA C 74 8.73 9.49 -35.87
C ALA C 74 7.97 9.45 -34.54
N PRO C 75 6.62 9.50 -34.62
CA PRO C 75 5.77 9.36 -33.44
C PRO C 75 5.46 7.89 -33.13
N PRO C 76 5.94 7.39 -31.97
CA PRO C 76 5.79 5.99 -31.56
C PRO C 76 4.33 5.56 -31.36
N PRO C 77 4.07 4.23 -31.34
CA PRO C 77 2.73 3.65 -31.36
C PRO C 77 1.78 4.19 -30.30
N PRO C 78 0.45 4.15 -30.58
CA PRO C 78 -0.55 4.42 -29.56
C PRO C 78 -0.44 3.42 -28.43
N PRO C 79 -0.57 3.88 -27.17
CA PRO C 79 -0.50 2.97 -26.02
C PRO C 79 -1.44 1.79 -26.18
N PRO C 80 -0.99 0.58 -25.79
CA PRO C 80 -1.80 -0.63 -25.97
C PRO C 80 -3.18 -0.47 -25.37
N GLY C 81 -4.20 -0.84 -26.15
CA GLY C 81 -5.59 -0.66 -25.74
C GLY C 81 -6.14 0.69 -26.18
N GLY C 82 -5.30 1.47 -26.84
CA GLY C 82 -5.71 2.76 -27.41
C GLY C 82 -5.40 3.96 -26.54
N TYR C 83 -5.79 5.14 -27.01
CA TYR C 83 -5.57 6.38 -26.30
C TYR C 83 -6.62 6.55 -25.20
N ASP C 84 -6.21 7.12 -24.07
CA ASP C 84 -7.11 7.36 -22.95
C ASP C 84 -7.54 8.83 -22.91
N PHE C 85 -8.81 9.07 -23.20
CA PHE C 85 -9.36 10.42 -23.20
C PHE C 85 -10.39 10.64 -22.10
N SER C 86 -10.19 9.98 -20.96
CA SER C 86 -11.13 10.08 -19.84
C SER C 86 -11.26 11.52 -19.37
N GLY C 87 -12.51 11.98 -19.23
CA GLY C 87 -12.81 13.38 -18.93
C GLY C 87 -13.09 14.18 -20.18
N PHE C 88 -12.99 13.53 -21.35
CA PHE C 88 -13.25 14.18 -22.64
C PHE C 88 -14.12 13.33 -23.56
N ASP C 89 -15.14 13.96 -24.14
CA ASP C 89 -15.93 13.36 -25.21
C ASP C 89 -15.30 13.69 -26.56
N VAL C 90 -14.75 12.65 -27.20
CA VAL C 90 -13.88 12.78 -28.37
C VAL C 90 -14.62 12.84 -29.72
N GLU C 91 -15.87 12.39 -29.74
CA GLU C 91 -16.64 12.23 -30.98
C GLU C 91 -16.72 13.48 -31.85
N ASP C 92 -16.89 14.64 -31.23
CA ASP C 92 -17.12 15.88 -31.96
C ASP C 92 -15.92 16.82 -32.12
N PHE C 93 -14.71 16.28 -31.93
CA PHE C 93 -13.49 17.04 -32.19
C PHE C 93 -13.22 17.11 -33.69
N SER C 94 -12.49 18.14 -34.12
CA SER C 94 -12.16 18.37 -35.53
C SER C 94 -11.64 17.12 -36.21
N GLU C 95 -11.74 17.07 -37.54
CA GLU C 95 -11.30 15.89 -38.26
C GLU C 95 -9.78 15.75 -38.35
N PHE C 96 -9.03 16.82 -38.09
CA PHE C 96 -7.59 16.71 -37.91
C PHE C 96 -7.28 15.82 -36.71
N PHE C 97 -8.03 16.03 -35.63
CA PHE C 97 -7.91 15.21 -34.44
C PHE C 97 -8.28 13.75 -34.73
N GLN C 98 -9.31 13.57 -35.56
CA GLN C 98 -9.75 12.24 -35.98
C GLN C 98 -8.72 11.52 -36.83
N GLU C 99 -7.96 12.28 -37.61
CA GLU C 99 -6.90 11.74 -38.45
C GLU C 99 -5.69 11.32 -37.60
N LEU C 100 -5.35 12.19 -36.64
CA LEU C 100 -4.14 12.05 -35.85
C LEU C 100 -4.25 10.93 -34.80
N PHE C 101 -5.35 10.92 -34.06
CA PHE C 101 -5.53 9.95 -32.98
C PHE C 101 -6.41 8.76 -33.37
N GLY C 102 -6.98 8.81 -34.57
CA GLY C 102 -7.86 7.76 -35.09
C GLY C 102 -7.33 6.33 -34.99
N PRO C 103 -6.09 6.08 -35.48
CA PRO C 103 -5.51 4.74 -35.43
C PRO C 103 -5.44 4.15 -34.03
N GLY C 104 -5.52 5.01 -33.02
CA GLY C 104 -5.51 4.59 -31.61
C GLY C 104 -6.88 4.69 -30.95
N LEU C 105 -7.90 5.02 -31.73
CA LEU C 105 -9.28 4.94 -31.27
C LEU C 105 -9.88 3.63 -31.79
N PHE C 106 -9.94 2.64 -30.92
CA PHE C 106 -10.34 1.28 -31.30
C PHE C 106 -11.83 0.98 -31.14
N GLY C 107 -12.57 1.92 -30.56
CA GLY C 107 -14.01 1.78 -30.40
C GLY C 107 -14.45 1.95 -28.95
N LYS C 108 -15.67 1.49 -28.67
CA LYS C 108 -16.23 1.52 -27.32
C LYS C 108 -15.52 0.52 -26.43
N GLY C 109 -15.42 0.85 -25.14
CA GLY C 109 -14.88 -0.08 -24.16
C GLY C 109 -15.87 -1.19 -23.89
N ARG C 110 -15.37 -2.41 -23.79
CA ARG C 110 -16.21 -3.56 -23.48
C ARG C 110 -16.74 -3.48 -22.05
N ASP C 111 -17.95 -4.00 -21.83
CA ASP C 111 -18.55 -3.97 -20.50
C ASP C 111 -17.97 -5.07 -19.61
N LEU C 112 -17.84 -4.77 -18.32
CA LEU C 112 -17.30 -5.71 -17.36
C LEU C 112 -18.34 -6.14 -16.33
N ARG C 113 -18.28 -7.42 -15.96
CA ARG C 113 -19.18 -7.99 -14.96
C ARG C 113 -18.37 -8.79 -13.96
N ALA C 114 -18.46 -8.40 -12.69
CA ALA C 114 -17.68 -9.03 -11.62
C ALA C 114 -18.53 -9.38 -10.40
N GLU C 115 -18.15 -10.45 -9.73
CA GLU C 115 -18.77 -10.85 -8.46
C GLU C 115 -18.22 -10.01 -7.32
N LEU C 116 -19.10 -9.68 -6.38
CA LEU C 116 -18.73 -8.87 -5.22
C LEU C 116 -19.04 -9.66 -3.94
N PRO C 117 -18.10 -10.52 -3.50
CA PRO C 117 -18.34 -11.34 -2.33
C PRO C 117 -18.34 -10.51 -1.05
N LEU C 118 -19.43 -10.59 -0.29
CA LEU C 118 -19.57 -9.87 0.97
C LEU C 118 -19.99 -10.80 2.09
N THR C 119 -19.57 -10.45 3.31
CA THR C 119 -20.09 -11.10 4.52
C THR C 119 -21.38 -10.40 4.91
N LEU C 120 -22.16 -11.01 5.79
CA LEU C 120 -23.43 -10.43 6.22
C LEU C 120 -23.27 -9.04 6.80
N GLU C 121 -22.29 -8.88 7.69
CA GLU C 121 -22.04 -7.59 8.35
C GLU C 121 -21.61 -6.50 7.38
N GLU C 122 -20.83 -6.88 6.36
CA GLU C 122 -20.43 -5.95 5.31
C GLU C 122 -21.64 -5.47 4.50
N ALA C 123 -22.52 -6.42 4.17
CA ALA C 123 -23.74 -6.11 3.43
C ALA C 123 -24.76 -5.35 4.28
N PHE C 124 -24.71 -5.57 5.60
CA PHE C 124 -25.60 -4.94 6.56
C PHE C 124 -25.37 -3.43 6.64
N HIS C 125 -24.12 -3.04 6.87
CA HIS C 125 -23.77 -1.63 7.04
C HIS C 125 -23.64 -0.90 5.70
N GLY C 126 -23.12 -1.59 4.70
CA GLY C 126 -22.91 -1.00 3.37
C GLY C 126 -21.78 0.02 3.38
N GLY C 127 -22.05 1.19 2.80
CA GLY C 127 -21.12 2.30 2.83
C GLY C 127 -20.10 2.29 1.70
N GLU C 128 -18.92 2.86 1.97
CA GLU C 128 -17.86 2.93 0.98
C GLU C 128 -17.04 1.64 0.95
N ARG C 129 -16.84 1.12 -0.26
CA ARG C 129 -16.05 -0.09 -0.48
C ARG C 129 -15.19 0.07 -1.72
N VAL C 130 -13.92 -0.31 -1.62
CA VAL C 130 -12.99 -0.20 -2.73
C VAL C 130 -12.67 -1.58 -3.31
N VAL C 131 -13.05 -1.77 -4.57
CA VAL C 131 -12.84 -3.05 -5.26
C VAL C 131 -11.80 -2.87 -6.35
N GLU C 132 -10.98 -3.90 -6.55
CA GLU C 132 -10.03 -3.91 -7.65
C GLU C 132 -10.36 -5.08 -8.60
N VAL C 133 -10.78 -4.74 -9.81
CA VAL C 133 -11.12 -5.73 -10.82
C VAL C 133 -10.59 -5.33 -12.20
N ALA C 134 -10.13 -6.32 -12.95
CA ALA C 134 -9.61 -6.13 -14.31
C ALA C 134 -8.66 -4.94 -14.46
N GLY C 135 -7.87 -4.69 -13.43
CA GLY C 135 -6.90 -3.60 -13.45
C GLY C 135 -7.09 -2.58 -12.34
N ARG C 136 -7.70 -1.45 -12.68
CA ARG C 136 -7.77 -0.30 -11.78
C ARG C 136 -8.77 -0.47 -10.63
N ARG C 137 -8.52 0.25 -9.54
CA ARG C 137 -9.38 0.23 -8.36
C ARG C 137 -10.62 1.11 -8.53
N VAL C 138 -11.74 0.65 -7.99
CA VAL C 138 -13.00 1.39 -8.06
C VAL C 138 -13.65 1.47 -6.68
N SER C 139 -13.95 2.69 -6.24
CA SER C 139 -14.66 2.90 -4.98
C SER C 139 -16.12 3.24 -5.28
N VAL C 140 -17.02 2.44 -4.72
CA VAL C 140 -18.46 2.65 -4.95
C VAL C 140 -19.27 2.66 -3.66
N ARG C 141 -20.25 3.57 -3.60
CA ARG C 141 -21.18 3.65 -2.49
C ARG C 141 -22.15 2.48 -2.51
N MSE C 142 -22.42 1.95 -1.32
CA MSE C 142 -23.21 0.73 -1.20
C MSE C 142 -24.36 0.98 -0.23
O MSE C 142 -24.13 1.43 0.90
CB MSE C 142 -22.31 -0.38 -0.68
CG MSE C 142 -22.56 -1.72 -1.31
SE MSE C 142 -20.96 -2.81 -1.11
CE MSE C 142 -21.01 -3.09 0.82
N PRO C 143 -25.59 0.69 -0.67
CA PRO C 143 -26.75 0.88 0.20
C PRO C 143 -26.78 -0.20 1.29
N PRO C 144 -27.13 0.18 2.53
CA PRO C 144 -27.23 -0.80 3.60
C PRO C 144 -28.27 -1.86 3.28
N GLY C 145 -27.97 -3.11 3.63
CA GLY C 145 -28.89 -4.23 3.42
C GLY C 145 -28.87 -4.82 2.03
N VAL C 146 -27.74 -4.66 1.34
CA VAL C 146 -27.59 -5.17 -0.02
C VAL C 146 -27.66 -6.71 -0.01
N ARG C 147 -28.28 -7.28 -1.03
CA ARG C 147 -28.63 -8.71 -1.02
C ARG C 147 -27.97 -9.52 -2.14
N GLU C 148 -28.14 -10.84 -2.09
CA GLU C 148 -27.71 -11.73 -3.17
C GLU C 148 -28.28 -11.28 -4.50
N GLY C 149 -27.41 -11.18 -5.49
CA GLY C 149 -27.83 -10.82 -6.84
C GLY C 149 -28.04 -9.32 -7.06
N SER C 150 -27.78 -8.53 -6.03
CA SER C 150 -27.91 -7.08 -6.13
C SER C 150 -26.89 -6.53 -7.12
N VAL C 151 -27.36 -5.61 -7.95
CA VAL C 151 -26.56 -5.07 -9.03
C VAL C 151 -26.05 -3.68 -8.66
N ILE C 152 -24.73 -3.49 -8.81
CA ILE C 152 -24.11 -2.17 -8.64
C ILE C 152 -23.46 -1.72 -9.94
N ARG C 153 -24.13 -0.81 -10.63
CA ARG C 153 -23.65 -0.26 -11.90
C ARG C 153 -22.77 0.97 -11.64
N VAL C 154 -21.50 0.86 -12.01
CA VAL C 154 -20.56 1.98 -11.92
C VAL C 154 -20.24 2.48 -13.33
N PRO C 155 -20.85 3.62 -13.73
CA PRO C 155 -20.73 4.12 -15.10
C PRO C 155 -19.31 4.52 -15.47
N GLY C 156 -18.86 4.08 -16.64
CA GLY C 156 -17.56 4.45 -17.18
C GLY C 156 -16.37 3.69 -16.64
N MSE C 157 -16.56 2.92 -15.58
CA MSE C 157 -15.47 2.20 -14.93
C MSE C 157 -15.32 0.76 -15.43
O MSE C 157 -14.83 -0.11 -14.69
CB MSE C 157 -15.62 2.23 -13.41
CG MSE C 157 -15.59 3.62 -12.80
SE MSE C 157 -14.03 4.67 -13.30
CE MSE C 157 -12.63 3.46 -12.65
N GLY C 158 -15.72 0.51 -16.67
CA GLY C 158 -15.61 -0.81 -17.28
C GLY C 158 -14.34 -0.94 -18.10
N GLY C 159 -14.48 -1.52 -19.29
CA GLY C 159 -13.35 -1.70 -20.19
C GLY C 159 -12.88 -0.39 -20.78
N GLN C 160 -11.56 -0.25 -20.92
CA GLN C 160 -10.96 0.94 -21.48
C GLN C 160 -11.34 1.10 -22.95
N GLY C 161 -11.74 2.31 -23.32
CA GLY C 161 -12.10 2.61 -24.70
C GLY C 161 -12.67 4.01 -24.85
N ASN C 162 -13.29 4.27 -26.00
CA ASN C 162 -13.94 5.55 -26.25
C ASN C 162 -15.31 5.37 -26.89
N PRO C 163 -16.37 5.47 -26.09
CA PRO C 163 -16.33 5.73 -24.64
C PRO C 163 -16.04 4.46 -23.81
N PRO C 164 -15.58 4.64 -22.56
CA PRO C 164 -15.35 3.50 -21.66
C PRO C 164 -16.65 2.78 -21.29
N GLY C 165 -16.57 1.46 -21.16
CA GLY C 165 -17.74 0.64 -20.80
C GLY C 165 -18.12 0.74 -19.34
N ASP C 166 -19.18 0.06 -18.95
CA ASP C 166 -19.66 0.10 -17.57
C ASP C 166 -19.15 -1.09 -16.76
N LEU C 167 -18.91 -0.86 -15.46
CA LEU C 167 -18.63 -1.93 -14.52
C LEU C 167 -19.93 -2.36 -13.89
N LEU C 168 -20.24 -3.64 -14.01
CA LEU C 168 -21.45 -4.19 -13.43
C LEU C 168 -21.08 -5.18 -12.33
N LEU C 169 -21.28 -4.77 -11.08
CA LEU C 169 -20.99 -5.62 -9.93
C LEU C 169 -22.22 -6.35 -9.44
N VAL C 170 -22.05 -7.64 -9.15
CA VAL C 170 -23.13 -8.46 -8.60
C VAL C 170 -22.77 -9.01 -7.22
N VAL C 171 -23.61 -8.68 -6.23
CA VAL C 171 -23.35 -9.05 -4.84
C VAL C 171 -23.60 -10.53 -4.58
N ARG C 172 -22.55 -11.22 -4.14
CA ARG C 172 -22.67 -12.61 -3.70
C ARG C 172 -22.51 -12.66 -2.18
N MSE C 173 -23.34 -13.46 -1.53
CA MSE C 173 -23.30 -13.56 -0.07
C MSE C 173 -22.44 -14.73 0.41
O MSE C 173 -22.56 -15.84 -0.10
CB MSE C 173 -24.71 -13.64 0.51
CG MSE C 173 -24.80 -13.18 1.97
SE MSE C 173 -24.40 -11.27 2.18
CE MSE C 173 -25.94 -10.51 1.26
N LEU C 174 -21.59 -14.44 1.38
CA LEU C 174 -20.72 -15.44 1.99
C LEU C 174 -21.39 -16.08 3.21
N PRO C 175 -21.41 -17.42 3.25
CA PRO C 175 -22.04 -18.16 4.35
C PRO C 175 -21.50 -17.71 5.71
N HIS C 176 -22.42 -17.47 6.64
CA HIS C 176 -22.09 -16.91 7.95
C HIS C 176 -22.23 -17.95 9.05
N PRO C 177 -21.24 -18.02 9.96
CA PRO C 177 -21.20 -18.96 11.09
C PRO C 177 -22.49 -19.07 11.91
N VAL C 178 -23.16 -17.94 12.16
CA VAL C 178 -24.31 -17.93 13.08
C VAL C 178 -25.65 -17.55 12.42
N PHE C 179 -25.66 -16.48 11.63
CA PHE C 179 -26.91 -15.99 11.03
C PHE C 179 -27.20 -16.53 9.62
N ARG C 180 -28.47 -16.83 9.38
CA ARG C 180 -28.94 -17.33 8.09
C ARG C 180 -29.93 -16.32 7.52
N LEU C 181 -29.66 -15.84 6.30
CA LEU C 181 -30.47 -14.78 5.69
C LEU C 181 -31.55 -15.33 4.78
N GLU C 182 -32.80 -15.03 5.11
CA GLU C 182 -33.93 -15.35 4.24
C GLU C 182 -34.71 -14.08 4.00
N GLY C 183 -34.62 -13.56 2.79
CA GLY C 183 -35.24 -12.29 2.44
C GLY C 183 -34.51 -11.17 3.13
N GLN C 184 -35.17 -10.55 4.10
CA GLN C 184 -34.53 -9.54 4.96
C GLN C 184 -34.49 -10.04 6.39
N ASP C 185 -35.01 -11.26 6.60
CA ASP C 185 -35.08 -11.87 7.92
C ASP C 185 -33.87 -12.73 8.23
N LEU C 186 -33.33 -12.56 9.43
CA LEU C 186 -32.19 -13.35 9.91
C LEU C 186 -32.65 -14.50 10.79
N TYR C 187 -31.89 -15.60 10.75
CA TYR C 187 -32.22 -16.78 11.55
C TYR C 187 -30.98 -17.33 12.25
N ALA C 188 -31.12 -17.55 13.56
CA ALA C 188 -30.02 -18.03 14.38
C ALA C 188 -30.53 -18.84 15.56
N THR C 189 -29.63 -19.63 16.15
CA THR C 189 -29.94 -20.45 17.31
C THR C 189 -29.41 -19.75 18.55
N LEU C 190 -30.27 -19.61 19.56
CA LEU C 190 -29.89 -19.03 20.84
C LEU C 190 -29.60 -20.14 21.83
N ASP C 191 -28.38 -20.18 22.36
CA ASP C 191 -28.03 -21.12 23.40
C ASP C 191 -28.55 -20.62 24.75
N VAL C 192 -29.37 -21.45 25.40
CA VAL C 192 -29.94 -21.11 26.70
C VAL C 192 -29.69 -22.23 27.71
N PRO C 193 -28.97 -21.92 28.81
CA PRO C 193 -28.74 -22.89 29.88
C PRO C 193 -30.07 -23.34 30.50
N ALA C 194 -30.17 -24.64 30.77
CA ALA C 194 -31.41 -25.26 31.22
C ALA C 194 -32.10 -24.57 32.41
N PRO C 195 -31.36 -24.27 33.50
CA PRO C 195 -32.01 -23.66 34.66
C PRO C 195 -32.68 -22.32 34.34
N ILE C 196 -32.04 -21.54 33.46
CA ILE C 196 -32.57 -20.25 33.07
C ILE C 196 -33.87 -20.41 32.26
N ALA C 197 -33.93 -21.46 31.44
CA ALA C 197 -35.12 -21.75 30.63
C ALA C 197 -36.32 -22.15 31.48
N VAL C 198 -36.06 -22.87 32.57
CA VAL C 198 -37.10 -23.27 33.52
C VAL C 198 -37.62 -22.06 34.28
N VAL C 199 -36.75 -21.48 35.11
CA VAL C 199 -37.12 -20.39 36.00
C VAL C 199 -37.53 -19.14 35.22
N GLY C 200 -36.79 -18.84 34.17
CA GLY C 200 -37.00 -17.62 33.41
C GLY C 200 -36.00 -16.58 33.85
N GLY C 201 -35.18 -16.12 32.91
CA GLY C 201 -34.16 -15.11 33.18
C GLY C 201 -33.84 -14.29 31.95
N LYS C 202 -32.58 -13.90 31.82
CA LYS C 202 -32.12 -13.11 30.68
C LYS C 202 -30.80 -13.66 30.13
N VAL C 203 -30.76 -13.91 28.83
CA VAL C 203 -29.56 -14.46 28.17
C VAL C 203 -28.94 -13.44 27.22
N ARG C 204 -27.61 -13.46 27.14
CA ARG C 204 -26.86 -12.56 26.27
C ARG C 204 -26.72 -13.17 24.86
N ALA C 205 -27.57 -12.72 23.93
CA ALA C 205 -27.53 -13.17 22.54
C ALA C 205 -26.73 -12.21 21.65
N MSE C 206 -26.69 -12.50 20.34
CA MSE C 206 -25.92 -11.68 19.40
C MSE C 206 -26.74 -11.16 18.22
O MSE C 206 -27.72 -11.78 17.80
CB MSE C 206 -24.71 -12.45 18.88
CG MSE C 206 -23.56 -12.53 19.88
SE MSE C 206 -21.79 -12.56 19.02
CE MSE C 206 -21.81 -10.80 18.17
N THR C 207 -26.32 -10.00 17.70
CA THR C 207 -26.83 -9.45 16.44
C THR C 207 -25.65 -9.14 15.52
N LEU C 208 -25.92 -8.52 14.38
CA LEU C 208 -24.88 -8.02 13.51
C LEU C 208 -24.37 -6.66 14.00
N GLU C 209 -25.24 -5.94 14.69
CA GLU C 209 -24.91 -4.65 15.30
C GLU C 209 -24.03 -4.83 16.54
N GLY C 210 -24.21 -5.97 17.23
CA GLY C 210 -23.47 -6.28 18.44
C GLY C 210 -24.27 -7.22 19.33
N PRO C 211 -23.97 -7.23 20.65
CA PRO C 211 -24.68 -8.11 21.57
C PRO C 211 -25.92 -7.45 22.19
N VAL C 212 -26.96 -8.26 22.42
CA VAL C 212 -28.19 -7.79 23.06
C VAL C 212 -28.61 -8.70 24.21
N GLU C 213 -29.50 -8.20 25.07
CA GLU C 213 -30.09 -9.02 26.14
C GLU C 213 -31.47 -9.50 25.74
N VAL C 214 -31.65 -10.81 25.72
CA VAL C 214 -32.94 -11.43 25.39
C VAL C 214 -33.52 -12.06 26.65
N ALA C 215 -34.63 -11.50 27.11
CA ALA C 215 -35.34 -12.02 28.28
C ALA C 215 -36.13 -13.27 27.90
N VAL C 216 -35.99 -14.31 28.70
CA VAL C 216 -36.70 -15.56 28.46
C VAL C 216 -37.76 -15.81 29.55
N PRO C 217 -39.02 -16.03 29.12
CA PRO C 217 -40.11 -16.31 30.06
C PRO C 217 -39.90 -17.64 30.80
N PRO C 218 -40.62 -17.84 31.92
CA PRO C 218 -40.51 -19.12 32.62
C PRO C 218 -41.02 -20.29 31.77
N ARG C 219 -40.36 -21.45 31.91
CA ARG C 219 -40.78 -22.70 31.28
C ARG C 219 -40.74 -22.70 29.73
N THR C 220 -39.75 -22.00 29.17
CA THR C 220 -39.56 -21.99 27.72
C THR C 220 -38.88 -23.28 27.24
N GLN C 221 -39.62 -24.07 26.47
CA GLN C 221 -39.12 -25.32 25.91
C GLN C 221 -38.22 -25.09 24.71
N ALA C 222 -37.38 -26.07 24.41
CA ALA C 222 -36.51 -26.02 23.24
C ALA C 222 -37.35 -26.02 21.97
N GLY C 223 -36.85 -25.33 20.95
CA GLY C 223 -37.59 -25.21 19.69
C GLY C 223 -38.40 -23.92 19.62
N ARG C 224 -38.65 -23.31 20.78
CA ARG C 224 -39.38 -22.04 20.86
C ARG C 224 -38.74 -21.00 19.97
N LYS C 225 -39.54 -20.38 19.11
CA LYS C 225 -39.04 -19.35 18.21
C LYS C 225 -39.48 -17.98 18.69
N MSE C 226 -38.53 -17.04 18.71
CA MSE C 226 -38.75 -15.70 19.24
C MSE C 226 -38.38 -14.66 18.19
O MSE C 226 -37.36 -14.80 17.51
CB MSE C 226 -37.92 -15.49 20.50
CG MSE C 226 -38.13 -16.56 21.56
SE MSE C 226 -36.95 -16.36 23.09
CE MSE C 226 -37.73 -14.73 23.85
N ARG C 227 -39.22 -13.64 18.07
CA ARG C 227 -39.04 -12.62 17.04
C ARG C 227 -38.56 -11.30 17.63
N LEU C 228 -37.32 -10.93 17.30
CA LEU C 228 -36.79 -9.62 17.66
C LEU C 228 -37.02 -8.63 16.53
N LYS C 229 -38.14 -7.91 16.63
CA LYS C 229 -38.56 -6.91 15.65
C LYS C 229 -37.41 -5.98 15.26
N GLY C 230 -37.23 -5.78 13.95
CA GLY C 230 -36.22 -4.85 13.45
C GLY C 230 -34.78 -5.34 13.53
N GLY C 231 -34.57 -6.44 14.24
CA GLY C 231 -33.23 -6.99 14.42
C GLY C 231 -32.64 -7.67 13.20
N GLY C 232 -33.38 -7.67 12.10
CA GLY C 232 -32.92 -8.27 10.85
C GLY C 232 -32.23 -7.30 9.90
N PHE C 233 -32.27 -7.63 8.61
CA PHE C 233 -31.64 -6.84 7.55
C PHE C 233 -32.44 -5.59 7.16
N PRO C 234 -31.74 -4.45 6.97
CA PRO C 234 -32.42 -3.23 6.54
C PRO C 234 -32.67 -3.22 5.04
N GLY C 235 -33.41 -2.22 4.58
CA GLY C 235 -33.66 -2.03 3.16
C GLY C 235 -34.50 -0.79 2.91
N PRO C 236 -34.78 -0.49 1.64
CA PRO C 236 -35.71 0.59 1.32
C PRO C 236 -37.11 0.18 1.72
N ALA C 237 -37.89 1.14 2.22
CA ALA C 237 -39.27 0.91 2.66
C ALA C 237 -39.42 0.13 3.98
N GLY C 238 -38.46 -0.72 4.30
CA GLY C 238 -38.60 -1.55 5.51
C GLY C 238 -37.37 -2.27 6.02
N ARG C 239 -37.52 -2.87 7.19
CA ARG C 239 -36.45 -3.56 7.88
C ARG C 239 -36.92 -4.92 8.39
N GLY C 240 -36.13 -5.96 8.14
CA GLY C 240 -36.48 -7.33 8.52
C GLY C 240 -36.35 -7.59 10.02
N ASP C 241 -36.82 -8.77 10.44
CA ASP C 241 -36.80 -9.16 11.84
C ASP C 241 -35.72 -10.20 12.12
N LEU C 242 -35.44 -10.43 13.40
CA LEU C 242 -34.54 -11.52 13.83
C LEU C 242 -35.36 -12.65 14.46
N TYR C 243 -35.10 -13.88 14.03
CA TYR C 243 -35.77 -15.05 14.58
C TYR C 243 -34.78 -15.95 15.31
N LEU C 244 -34.94 -16.07 16.62
CA LEU C 244 -34.07 -16.91 17.43
C LEU C 244 -34.78 -18.20 17.82
N GLU C 245 -34.13 -19.33 17.55
CA GLU C 245 -34.64 -20.63 18.00
C GLU C 245 -33.93 -21.05 19.28
N VAL C 246 -34.71 -21.31 20.32
CA VAL C 246 -34.15 -21.71 21.61
C VAL C 246 -33.56 -23.12 21.51
N ARG C 247 -32.30 -23.23 21.89
CA ARG C 247 -31.62 -24.51 21.98
C ARG C 247 -31.10 -24.66 23.38
N ILE C 248 -31.74 -25.54 24.16
CA ILE C 248 -31.37 -25.74 25.57
C ILE C 248 -29.99 -26.38 25.65
N THR C 249 -29.12 -25.79 26.46
CA THR C 249 -27.75 -26.26 26.59
C THR C 249 -27.45 -26.66 28.04
N ILE C 250 -26.64 -27.70 28.20
CA ILE C 250 -26.21 -28.14 29.53
C ILE C 250 -24.71 -27.93 29.74
N PRO C 251 -24.26 -27.79 31.00
CA PRO C 251 -22.84 -27.63 31.29
C PRO C 251 -22.05 -28.92 31.02
N GLU C 252 -20.82 -28.77 30.56
CA GLU C 252 -19.96 -29.91 30.27
C GLU C 252 -19.00 -30.21 31.43
N ARG C 253 -19.01 -29.33 32.44
CA ARG C 253 -18.18 -29.46 33.63
C ARG C 253 -18.88 -28.82 34.83
N LEU C 254 -18.78 -29.46 35.99
CA LEU C 254 -19.49 -29.00 37.20
C LEU C 254 -18.70 -29.21 38.49
N THR C 255 -19.29 -28.74 39.59
CA THR C 255 -18.71 -28.91 40.93
C THR C 255 -19.44 -30.03 41.66
N PRO C 256 -18.74 -30.74 42.56
CA PRO C 256 -19.36 -31.80 43.38
C PRO C 256 -20.72 -31.39 43.96
N GLU C 257 -20.84 -30.12 44.36
CA GLU C 257 -22.07 -29.58 44.93
C GLU C 257 -23.23 -29.64 43.94
N GLU C 258 -22.94 -29.28 42.69
CA GLU C 258 -23.93 -29.23 41.63
C GLU C 258 -24.43 -30.61 41.18
N GLU C 259 -23.60 -31.64 41.40
CA GLU C 259 -23.95 -33.02 41.05
C GLU C 259 -25.19 -33.52 41.78
N ALA C 260 -25.28 -33.21 43.07
CA ALA C 260 -26.41 -33.64 43.91
C ALA C 260 -27.74 -33.10 43.40
N LEU C 261 -27.77 -31.81 43.07
CA LEU C 261 -28.98 -31.15 42.58
C LEU C 261 -29.45 -31.69 41.23
N TRP C 262 -28.51 -32.05 40.37
CA TRP C 262 -28.83 -32.72 39.11
C TRP C 262 -29.30 -34.15 39.35
N LYS C 263 -28.69 -34.82 40.33
CA LYS C 263 -29.00 -36.22 40.65
C LYS C 263 -30.42 -36.40 41.21
N LYS C 264 -30.90 -35.41 41.96
CA LYS C 264 -32.21 -35.48 42.60
C LYS C 264 -33.37 -35.44 41.61
N LEU C 265 -33.25 -34.59 40.58
CA LEU C 265 -34.25 -34.52 39.53
C LEU C 265 -34.21 -35.74 38.62
N ALA C 266 -32.99 -36.20 38.33
CA ALA C 266 -32.76 -37.35 37.44
C ALA C 266 -33.49 -38.60 37.92
N GLU C 267 -33.47 -38.83 39.23
CA GLU C 267 -34.14 -39.97 39.83
C GLU C 267 -35.66 -39.81 39.78
N ALA C 268 -36.13 -38.57 39.91
CA ALA C 268 -37.56 -38.24 39.84
C ALA C 268 -38.13 -38.46 38.43
N TYR C 269 -37.26 -38.38 37.43
CA TYR C 269 -37.62 -38.70 36.04
C TYR C 269 -37.71 -40.22 35.82
N TYR C 270 -37.05 -41.00 36.68
CA TYR C 270 -37.18 -42.46 36.67
C TYR C 270 -38.36 -42.90 37.53
N ALA C 271 -38.84 -41.97 38.36
CA ALA C 271 -40.02 -42.19 39.21
C ALA C 271 -41.32 -42.08 38.40
N ARG C 272 -41.34 -41.17 37.43
CA ARG C 272 -42.51 -40.95 36.58
C ARG C 272 -42.66 -42.05 35.52
N ALA D 2 -73.47 -64.23 -36.32
CA ALA D 2 -73.62 -64.86 -34.98
C ALA D 2 -73.51 -66.38 -35.05
N ALA D 3 -74.24 -66.99 -35.98
CA ALA D 3 -74.20 -68.44 -36.20
C ALA D 3 -72.88 -68.86 -36.83
N LYS D 4 -72.50 -70.12 -36.61
CA LYS D 4 -71.24 -70.64 -37.13
C LYS D 4 -71.30 -70.87 -38.64
N LYS D 5 -70.57 -70.04 -39.39
CA LYS D 5 -70.48 -70.19 -40.84
C LYS D 5 -69.61 -71.38 -41.22
N ASP D 6 -69.85 -71.93 -42.41
CA ASP D 6 -69.09 -73.06 -42.92
C ASP D 6 -68.16 -72.59 -44.04
N TYR D 7 -66.90 -72.35 -43.68
CA TYR D 7 -65.88 -71.91 -44.65
C TYR D 7 -65.47 -73.04 -45.60
N TYR D 8 -65.65 -74.28 -45.16
CA TYR D 8 -65.41 -75.46 -45.99
C TYR D 8 -66.39 -75.53 -47.16
N ALA D 9 -67.62 -75.10 -46.92
CA ALA D 9 -68.67 -75.08 -47.94
C ALA D 9 -68.48 -73.95 -48.94
N ILE D 10 -67.88 -72.85 -48.49
CA ILE D 10 -67.61 -71.69 -49.34
C ILE D 10 -66.47 -71.98 -50.32
N LEU D 11 -65.40 -72.59 -49.81
CA LEU D 11 -64.22 -72.92 -50.63
C LEU D 11 -64.39 -74.19 -51.46
N GLY D 12 -65.39 -75.01 -51.11
CA GLY D 12 -65.66 -76.26 -51.82
C GLY D 12 -64.65 -77.35 -51.52
N VAL D 13 -64.22 -77.41 -50.26
CA VAL D 13 -63.24 -78.40 -49.81
C VAL D 13 -63.80 -79.26 -48.67
N PRO D 14 -63.41 -80.56 -48.62
CA PRO D 14 -63.83 -81.46 -47.54
C PRO D 14 -63.38 -81.01 -46.15
N ARG D 15 -64.02 -81.53 -45.11
CA ARG D 15 -63.83 -81.11 -43.72
C ARG D 15 -62.41 -81.34 -43.19
N ASN D 16 -61.67 -82.24 -43.84
CA ASN D 16 -60.29 -82.56 -43.44
C ASN D 16 -59.27 -82.26 -44.54
N ALA D 17 -59.49 -81.17 -45.27
CA ALA D 17 -58.62 -80.77 -46.39
C ALA D 17 -57.23 -80.34 -45.92
N THR D 18 -56.25 -80.50 -46.80
CA THR D 18 -54.88 -80.07 -46.54
C THR D 18 -54.72 -78.58 -46.84
N GLN D 19 -53.61 -78.00 -46.39
CA GLN D 19 -53.34 -76.57 -46.58
C GLN D 19 -53.17 -76.18 -48.04
N GLU D 20 -52.58 -77.07 -48.83
CA GLU D 20 -52.42 -76.86 -50.27
C GLU D 20 -53.74 -76.99 -51.02
N GLU D 21 -54.61 -77.89 -50.54
CA GLU D 21 -55.94 -78.10 -51.13
C GLU D 21 -56.85 -76.89 -50.90
N ILE D 22 -56.61 -76.16 -49.81
CA ILE D 22 -57.32 -74.91 -49.52
C ILE D 22 -56.79 -73.78 -50.41
N LYS D 23 -55.47 -73.75 -50.60
CA LYS D 23 -54.81 -72.71 -51.39
C LYS D 23 -55.19 -72.76 -52.88
N ARG D 24 -55.33 -73.97 -53.42
CA ARG D 24 -55.71 -74.15 -54.82
C ARG D 24 -57.20 -73.86 -55.07
N ALA D 25 -58.04 -74.19 -54.11
CA ALA D 25 -59.48 -73.91 -54.18
C ALA D 25 -59.75 -72.41 -54.10
N TYR D 26 -58.86 -71.69 -53.42
CA TYR D 26 -58.92 -70.24 -53.36
C TYR D 26 -58.61 -69.61 -54.71
N LYS D 27 -57.50 -70.04 -55.32
CA LYS D 27 -57.08 -69.54 -56.64
C LYS D 27 -58.13 -69.83 -57.70
N ARG D 28 -58.76 -71.00 -57.60
CA ARG D 28 -59.83 -71.42 -58.50
C ARG D 28 -61.07 -70.52 -58.38
N LEU D 29 -61.42 -70.17 -57.14
CA LEU D 29 -62.60 -69.35 -56.87
C LEU D 29 -62.34 -67.85 -56.95
N ALA D 30 -61.08 -67.46 -56.74
CA ALA D 30 -60.68 -66.04 -56.82
C ALA D 30 -60.69 -65.54 -58.27
N ARG D 31 -60.25 -66.40 -59.19
CA ARG D 31 -60.25 -66.07 -60.62
C ARG D 31 -61.66 -66.14 -61.21
N GLN D 32 -62.61 -66.65 -60.43
CA GLN D 32 -64.01 -66.77 -60.84
C GLN D 32 -64.83 -65.57 -60.38
N TYR D 33 -64.63 -65.13 -59.14
CA TYR D 33 -65.41 -64.05 -58.53
C TYR D 33 -64.64 -62.75 -58.32
N HIS D 34 -63.50 -62.60 -59.00
CA HIS D 34 -62.68 -61.39 -58.92
C HIS D 34 -63.42 -60.18 -59.51
N PRO D 35 -63.38 -59.03 -58.81
CA PRO D 35 -64.12 -57.81 -59.17
C PRO D 35 -64.01 -57.37 -60.65
N ASP D 36 -62.81 -57.42 -61.22
CA ASP D 36 -62.62 -56.95 -62.60
C ASP D 36 -62.81 -58.01 -63.69
N VAL D 37 -62.86 -59.28 -63.30
CA VAL D 37 -63.15 -60.36 -64.25
C VAL D 37 -64.63 -60.77 -64.21
N ASN D 38 -65.30 -60.45 -63.10
CA ASN D 38 -66.73 -60.71 -62.93
C ASN D 38 -67.47 -59.44 -62.51
N LYS D 39 -68.28 -58.92 -63.42
CA LYS D 39 -69.01 -57.66 -63.20
C LYS D 39 -70.44 -57.90 -62.70
N SER D 40 -70.62 -58.93 -61.89
CA SER D 40 -71.93 -59.29 -61.36
C SER D 40 -72.15 -58.70 -59.97
N PRO D 41 -73.41 -58.30 -59.66
CA PRO D 41 -73.77 -57.81 -58.33
C PRO D 41 -73.66 -58.88 -57.24
N GLU D 42 -73.86 -60.14 -57.62
CA GLU D 42 -73.76 -61.27 -56.70
C GLU D 42 -72.31 -61.63 -56.39
N ALA D 43 -71.40 -61.20 -57.27
CA ALA D 43 -69.98 -61.54 -57.16
C ALA D 43 -69.27 -60.87 -55.98
N GLU D 44 -69.77 -59.71 -55.56
CA GLU D 44 -69.18 -58.95 -54.45
C GLU D 44 -69.29 -59.70 -53.12
N GLU D 45 -70.48 -60.25 -52.84
CA GLU D 45 -70.73 -60.99 -51.61
C GLU D 45 -70.00 -62.32 -51.59
N LYS D 46 -69.97 -63.01 -52.73
CA LYS D 46 -69.28 -64.29 -52.87
C LYS D 46 -67.76 -64.16 -52.71
N PHE D 47 -67.18 -63.13 -53.33
CA PHE D 47 -65.74 -62.87 -53.23
C PHE D 47 -65.32 -62.42 -51.83
N LYS D 48 -66.24 -61.75 -51.13
CA LYS D 48 -66.03 -61.36 -49.74
C LYS D 48 -66.06 -62.58 -48.83
N GLU D 49 -66.92 -63.55 -49.16
CA GLU D 49 -67.03 -64.80 -48.42
C GLU D 49 -65.78 -65.67 -48.56
N ILE D 50 -65.20 -65.68 -49.76
CA ILE D 50 -64.01 -66.47 -50.06
C ILE D 50 -62.77 -65.90 -49.37
N ASN D 51 -62.60 -64.57 -49.44
CA ASN D 51 -61.51 -63.88 -48.74
C ASN D 51 -61.62 -64.00 -47.23
N GLU D 52 -62.85 -64.06 -46.73
CA GLU D 52 -63.11 -64.30 -45.31
C GLU D 52 -62.72 -65.72 -44.93
N ALA D 53 -63.04 -66.67 -45.81
CA ALA D 53 -62.69 -68.07 -45.60
C ALA D 53 -61.19 -68.28 -45.64
N TYR D 54 -60.56 -67.85 -46.73
CA TYR D 54 -59.12 -68.03 -46.94
C TYR D 54 -58.26 -67.44 -45.82
N ALA D 55 -58.63 -66.26 -45.34
CA ALA D 55 -57.90 -65.59 -44.26
C ALA D 55 -57.84 -66.44 -43.00
N VAL D 56 -58.94 -67.11 -42.68
CA VAL D 56 -59.02 -67.99 -41.52
C VAL D 56 -58.41 -69.36 -41.81
N MSE D 57 -58.59 -69.83 -43.04
CA MSE D 57 -58.21 -71.20 -43.42
C MSE D 57 -56.75 -71.37 -43.82
O MSE D 57 -56.17 -72.44 -43.60
CB MSE D 57 -59.12 -71.71 -44.54
CG MSE D 57 -60.61 -71.72 -44.18
SE MSE D 57 -61.10 -73.13 -42.94
CE MSE D 57 -60.84 -74.65 -44.14
N SER D 58 -56.16 -70.33 -44.42
CA SER D 58 -54.78 -70.40 -44.91
C SER D 58 -53.74 -70.54 -43.80
N ASP D 59 -54.05 -70.02 -42.61
CA ASP D 59 -53.18 -70.12 -41.45
C ASP D 59 -53.62 -71.29 -40.57
N PRO D 60 -52.68 -72.23 -40.29
CA PRO D 60 -52.97 -73.42 -39.46
C PRO D 60 -53.43 -73.08 -38.05
N GLU D 61 -52.91 -72.01 -37.48
CA GLU D 61 -53.33 -71.55 -36.15
C GLU D 61 -54.75 -70.99 -36.17
N LYS D 62 -55.07 -70.21 -37.19
CA LYS D 62 -56.38 -69.58 -37.33
C LYS D 62 -57.47 -70.58 -37.72
N ARG D 63 -57.09 -71.61 -38.47
CA ARG D 63 -57.99 -72.68 -38.89
C ARG D 63 -58.42 -73.54 -37.69
N ARG D 64 -57.47 -73.80 -36.79
CA ARG D 64 -57.70 -74.61 -35.59
C ARG D 64 -58.64 -73.91 -34.60
N ILE D 65 -58.50 -72.59 -34.48
CA ILE D 65 -59.36 -71.78 -33.62
C ILE D 65 -60.83 -71.87 -34.08
N TYR D 66 -61.02 -71.81 -35.39
CA TYR D 66 -62.34 -71.96 -36.01
C TYR D 66 -62.89 -73.37 -35.83
N ASP D 67 -62.02 -74.37 -35.94
CA ASP D 67 -62.39 -75.78 -35.78
C ASP D 67 -62.78 -76.15 -34.36
N THR D 68 -62.14 -75.52 -33.38
CA THR D 68 -62.39 -75.81 -31.96
C THR D 68 -63.31 -74.76 -31.31
N TYR D 69 -64.14 -74.11 -32.12
CA TYR D 69 -65.09 -73.11 -31.63
C TYR D 69 -66.51 -73.66 -31.59
N GLY D 70 -67.16 -73.50 -30.44
CA GLY D 70 -68.53 -73.98 -30.25
C GLY D 70 -68.66 -75.04 -29.16
N THR D 71 -67.52 -75.65 -28.80
CA THR D 71 -67.49 -76.70 -27.77
C THR D 71 -67.34 -76.10 -26.37
N THR D 72 -67.29 -76.98 -25.36
CA THR D 72 -67.17 -76.57 -23.96
C THR D 72 -65.84 -75.86 -23.63
N GLU D 73 -64.78 -76.21 -24.37
CA GLU D 73 -63.48 -75.58 -24.19
C GLU D 73 -63.37 -74.32 -25.06
N ALA D 74 -62.93 -73.23 -24.44
CA ALA D 74 -62.76 -71.95 -25.12
C ALA D 74 -61.49 -71.92 -25.97
N PRO D 75 -61.48 -71.15 -27.08
CA PRO D 75 -60.28 -70.99 -27.90
C PRO D 75 -59.12 -70.33 -27.14
N PRO D 76 -57.89 -70.86 -27.31
CA PRO D 76 -56.69 -70.35 -26.63
C PRO D 76 -56.38 -68.88 -26.95
N PRO D 77 -55.76 -68.15 -25.99
CA PRO D 77 -55.47 -66.72 -26.09
C PRO D 77 -54.74 -66.31 -27.38
N PRO D 78 -55.07 -65.12 -27.92
CA PRO D 78 -54.41 -64.57 -29.11
C PRO D 78 -52.93 -64.29 -28.88
N PRO D 79 -52.10 -64.41 -29.94
CA PRO D 79 -50.66 -64.19 -29.85
C PRO D 79 -50.30 -62.72 -29.57
N PRO D 80 -49.10 -62.46 -29.04
CA PRO D 80 -48.63 -61.08 -28.83
C PRO D 80 -48.60 -60.28 -30.14
N GLY D 81 -49.13 -59.06 -30.09
CA GLY D 81 -49.27 -58.22 -31.28
C GLY D 81 -50.63 -58.36 -31.94
N GLY D 82 -51.29 -59.48 -31.68
CA GLY D 82 -52.61 -59.77 -32.24
C GLY D 82 -52.54 -60.54 -33.53
N TYR D 83 -53.62 -61.27 -33.84
CA TYR D 83 -53.72 -62.03 -35.09
C TYR D 83 -53.32 -61.17 -36.28
N ASP D 84 -52.46 -61.70 -37.14
CA ASP D 84 -52.01 -60.98 -38.31
C ASP D 84 -52.96 -61.21 -39.48
N PHE D 85 -53.68 -60.15 -39.85
CA PHE D 85 -54.67 -60.23 -40.91
C PHE D 85 -54.45 -59.20 -42.03
N SER D 86 -53.19 -58.76 -42.19
CA SER D 86 -52.81 -57.84 -43.27
C SER D 86 -53.07 -58.47 -44.65
N GLY D 87 -53.52 -57.63 -45.58
CA GLY D 87 -53.84 -58.08 -46.94
C GLY D 87 -55.32 -58.42 -47.10
N PHE D 88 -56.10 -58.16 -46.06
CA PHE D 88 -57.53 -58.45 -46.06
C PHE D 88 -58.35 -57.28 -45.54
N ASP D 89 -59.52 -57.07 -46.14
CA ASP D 89 -60.47 -56.06 -45.68
C ASP D 89 -61.31 -56.65 -44.54
N VAL D 90 -60.69 -56.81 -43.38
CA VAL D 90 -61.31 -57.42 -42.20
C VAL D 90 -62.54 -56.66 -41.69
N GLU D 91 -62.58 -55.35 -41.96
CA GLU D 91 -63.70 -54.49 -41.57
C GLU D 91 -65.00 -54.87 -42.31
N ASP D 92 -64.85 -55.51 -43.47
CA ASP D 92 -65.98 -55.97 -44.29
C ASP D 92 -66.41 -57.38 -43.91
N PHE D 93 -65.62 -58.05 -43.07
CA PHE D 93 -65.87 -59.44 -42.66
C PHE D 93 -67.12 -59.56 -41.79
N SER D 94 -67.78 -60.72 -41.89
CA SER D 94 -69.08 -60.94 -41.25
C SER D 94 -69.04 -60.97 -39.71
N GLU D 95 -70.23 -61.03 -39.11
CA GLU D 95 -70.39 -60.96 -37.65
C GLU D 95 -69.83 -62.18 -36.92
N PHE D 96 -69.88 -63.35 -37.56
CA PHE D 96 -69.32 -64.58 -36.99
C PHE D 96 -67.81 -64.46 -36.78
N PHE D 97 -67.14 -63.79 -37.71
CA PHE D 97 -65.70 -63.55 -37.64
C PHE D 97 -65.34 -62.60 -36.49
N GLN D 98 -66.17 -61.59 -36.27
CA GLN D 98 -65.91 -60.54 -35.28
C GLN D 98 -66.14 -61.00 -33.83
N GLU D 99 -66.66 -62.21 -33.65
CA GLU D 99 -66.97 -62.75 -32.33
C GLU D 99 -65.72 -63.26 -31.59
N LEU D 100 -65.02 -64.19 -32.22
CA LEU D 100 -63.82 -64.80 -31.62
C LEU D 100 -62.53 -64.03 -31.92
N PHE D 101 -62.29 -63.74 -33.20
CA PHE D 101 -61.09 -63.02 -33.63
C PHE D 101 -61.15 -61.54 -33.27
N GLY D 102 -62.36 -60.99 -33.24
CA GLY D 102 -62.60 -59.58 -32.92
C GLY D 102 -61.67 -58.93 -31.90
N PRO D 103 -61.64 -59.46 -30.66
CA PRO D 103 -60.73 -58.94 -29.64
C PRO D 103 -59.26 -59.18 -29.96
N GLY D 104 -58.96 -60.28 -30.64
CA GLY D 104 -57.59 -60.61 -31.03
C GLY D 104 -57.06 -59.84 -32.22
N LEU D 105 -57.88 -58.93 -32.76
CA LEU D 105 -57.48 -58.10 -33.90
C LEU D 105 -56.55 -56.98 -33.50
N PHE D 106 -56.80 -56.39 -32.34
CA PHE D 106 -56.03 -55.23 -31.86
C PHE D 106 -54.65 -55.63 -31.38
N GLY D 107 -53.74 -54.66 -31.39
CA GLY D 107 -52.36 -54.85 -30.90
C GLY D 107 -52.28 -54.82 -29.39
N LYS D 108 -51.17 -54.30 -28.87
CA LYS D 108 -50.94 -54.23 -27.42
C LYS D 108 -51.71 -53.10 -26.75
N GLY D 109 -52.23 -53.38 -25.55
CA GLY D 109 -52.87 -52.37 -24.72
C GLY D 109 -51.86 -51.41 -24.13
N ARG D 110 -52.32 -50.23 -23.75
CA ARG D 110 -51.44 -49.22 -23.19
C ARG D 110 -51.32 -49.39 -21.68
N ASP D 111 -50.15 -49.02 -21.15
CA ASP D 111 -49.88 -49.06 -19.73
C ASP D 111 -50.66 -47.97 -19.01
N LEU D 112 -51.07 -48.25 -17.78
CA LEU D 112 -51.63 -47.24 -16.90
C LEU D 112 -50.58 -46.87 -15.88
N ARG D 113 -50.44 -45.57 -15.60
CA ARG D 113 -49.49 -45.09 -14.61
C ARG D 113 -50.23 -44.39 -13.49
N ALA D 114 -49.78 -44.60 -12.26
CA ALA D 114 -50.37 -43.98 -11.08
C ALA D 114 -49.34 -43.80 -9.98
N GLU D 115 -49.53 -42.78 -9.15
CA GLU D 115 -48.72 -42.62 -7.95
C GLU D 115 -49.27 -43.50 -6.84
N LEU D 116 -48.39 -43.99 -5.99
CA LEU D 116 -48.77 -44.81 -4.84
C LEU D 116 -48.25 -44.16 -3.56
N PRO D 117 -49.10 -43.33 -2.91
CA PRO D 117 -48.71 -42.68 -1.67
C PRO D 117 -48.64 -43.67 -0.51
N LEU D 118 -47.48 -43.73 0.15
CA LEU D 118 -47.25 -44.65 1.27
C LEU D 118 -46.65 -43.92 2.46
N THR D 119 -47.08 -44.29 3.68
CA THR D 119 -46.46 -43.76 4.89
C THR D 119 -45.16 -44.52 5.15
N LEU D 120 -44.32 -43.97 6.04
CA LEU D 120 -43.02 -44.57 6.32
C LEU D 120 -43.14 -46.02 6.77
N GLU D 121 -44.03 -46.28 7.72
CA GLU D 121 -44.22 -47.64 8.23
C GLU D 121 -44.78 -48.59 7.17
N GLU D 122 -45.65 -48.08 6.31
CA GLU D 122 -46.20 -48.87 5.22
C GLU D 122 -45.11 -49.32 4.25
N ALA D 123 -44.26 -48.37 3.85
CA ALA D 123 -43.13 -48.65 2.97
C ALA D 123 -42.08 -49.53 3.65
N PHE D 124 -41.94 -49.36 4.96
CA PHE D 124 -41.01 -50.14 5.78
C PHE D 124 -41.34 -51.64 5.71
N HIS D 125 -42.60 -51.98 5.97
CA HIS D 125 -43.02 -53.37 6.03
C HIS D 125 -43.28 -53.98 4.65
N GLY D 126 -43.77 -53.15 3.72
CA GLY D 126 -44.12 -53.60 2.38
C GLY D 126 -45.23 -54.64 2.40
N GLY D 127 -45.08 -55.66 1.56
CA GLY D 127 -46.04 -56.77 1.53
C GLY D 127 -47.12 -56.62 0.47
N GLU D 128 -48.33 -57.02 0.82
CA GLU D 128 -49.46 -56.96 -0.10
C GLU D 128 -50.23 -55.66 0.12
N ARG D 129 -50.52 -54.95 -0.97
CA ARG D 129 -51.35 -53.75 -0.93
C ARG D 129 -52.40 -53.81 -2.02
N VAL D 130 -53.63 -53.45 -1.66
CA VAL D 130 -54.68 -53.28 -2.65
C VAL D 130 -54.77 -51.80 -3.04
N VAL D 131 -54.55 -51.55 -4.32
CA VAL D 131 -54.59 -50.21 -4.89
C VAL D 131 -55.79 -50.11 -5.83
N GLU D 132 -56.51 -49.00 -5.76
CA GLU D 132 -57.57 -48.75 -6.73
C GLU D 132 -57.05 -47.77 -7.79
N VAL D 133 -56.94 -48.25 -9.03
CA VAL D 133 -56.58 -47.40 -10.16
C VAL D 133 -57.72 -47.36 -11.17
N ALA D 134 -57.87 -46.22 -11.84
CA ALA D 134 -59.01 -45.95 -12.72
C ALA D 134 -60.32 -46.10 -11.94
N GLY D 135 -60.81 -47.33 -11.83
CA GLY D 135 -61.94 -47.62 -10.96
C GLY D 135 -61.87 -49.00 -10.35
N ARG D 136 -60.85 -49.78 -10.72
CA ARG D 136 -60.74 -51.16 -10.28
C ARG D 136 -59.68 -51.43 -9.22
N ARG D 137 -59.94 -52.44 -8.41
CA ARG D 137 -59.03 -52.94 -7.38
C ARG D 137 -57.91 -53.75 -8.03
N VAL D 138 -56.68 -53.52 -7.55
CA VAL D 138 -55.53 -54.32 -7.96
C VAL D 138 -54.72 -54.65 -6.72
N SER D 139 -54.34 -55.92 -6.56
CA SER D 139 -53.43 -56.31 -5.48
C SER D 139 -52.01 -56.33 -6.01
N VAL D 140 -51.09 -55.74 -5.26
CA VAL D 140 -49.70 -55.61 -5.69
C VAL D 140 -48.72 -55.99 -4.58
N ARG D 141 -47.76 -56.85 -4.89
CA ARG D 141 -46.71 -57.21 -3.95
C ARG D 141 -45.65 -56.12 -3.87
N MSE D 142 -45.22 -55.83 -2.65
CA MSE D 142 -44.33 -54.72 -2.39
C MSE D 142 -43.12 -55.22 -1.59
O MSE D 142 -43.29 -55.80 -0.51
CB MSE D 142 -45.06 -53.67 -1.58
CG MSE D 142 -44.78 -52.24 -1.98
SE MSE D 142 -46.40 -51.19 -1.67
CE MSE D 142 -46.48 -51.34 0.28
N PRO D 143 -41.91 -55.01 -2.11
CA PRO D 143 -40.73 -55.35 -1.33
C PRO D 143 -40.58 -54.36 -0.19
N PRO D 144 -40.14 -54.82 0.99
CA PRO D 144 -39.96 -53.92 2.14
C PRO D 144 -38.88 -52.87 1.86
N GLY D 145 -39.06 -51.68 2.44
CA GLY D 145 -38.09 -50.61 2.30
C GLY D 145 -38.17 -49.90 0.95
N VAL D 146 -39.33 -49.95 0.32
CA VAL D 146 -39.55 -49.32 -0.97
C VAL D 146 -39.50 -47.78 -0.85
N ARG D 147 -38.79 -47.13 -1.75
CA ARG D 147 -38.46 -45.71 -1.58
C ARG D 147 -39.23 -44.78 -2.52
N GLU D 148 -39.12 -43.47 -2.30
CA GLU D 148 -39.60 -42.46 -3.23
C GLU D 148 -39.16 -42.79 -4.64
N GLY D 149 -40.10 -42.75 -5.58
CA GLY D 149 -39.78 -42.92 -6.99
C GLY D 149 -39.52 -44.34 -7.44
N SER D 150 -39.69 -45.30 -6.53
CA SER D 150 -39.57 -46.71 -6.88
C SER D 150 -40.72 -47.12 -7.78
N VAL D 151 -40.40 -47.85 -8.84
CA VAL D 151 -41.40 -48.33 -9.79
C VAL D 151 -41.87 -49.74 -9.44
N ILE D 152 -43.19 -49.92 -9.32
CA ILE D 152 -43.78 -51.24 -9.15
C ILE D 152 -44.55 -51.61 -10.41
N ARG D 153 -44.09 -52.62 -11.13
CA ARG D 153 -44.78 -53.10 -12.34
C ARG D 153 -45.72 -54.25 -12.00
N VAL D 154 -46.98 -54.10 -12.42
CA VAL D 154 -47.96 -55.19 -12.28
C VAL D 154 -48.39 -55.62 -13.69
N PRO D 155 -47.72 -56.64 -14.25
CA PRO D 155 -47.98 -57.08 -15.63
C PRO D 155 -49.43 -57.48 -15.88
N GLY D 156 -49.98 -57.03 -17.01
CA GLY D 156 -51.32 -57.39 -17.44
C GLY D 156 -52.45 -56.63 -16.78
N MSE D 157 -52.12 -55.67 -15.92
CA MSE D 157 -53.15 -54.92 -15.19
C MSE D 157 -53.38 -53.52 -15.76
O MSE D 157 -53.93 -52.65 -15.07
CB MSE D 157 -52.83 -54.86 -13.70
CG MSE D 157 -52.85 -56.20 -12.99
SE MSE D 157 -54.45 -57.26 -13.33
CE MSE D 157 -55.78 -56.08 -12.50
N GLY D 158 -53.00 -53.32 -17.01
CA GLY D 158 -53.21 -52.03 -17.68
C GLY D 158 -54.42 -52.03 -18.57
N GLY D 159 -54.31 -51.37 -19.71
CA GLY D 159 -55.41 -51.28 -20.66
C GLY D 159 -55.63 -52.56 -21.45
N GLN D 160 -56.83 -52.72 -21.99
CA GLN D 160 -57.19 -53.90 -22.77
C GLN D 160 -56.37 -53.99 -24.05
N GLY D 161 -55.93 -55.20 -24.37
CA GLY D 161 -55.13 -55.43 -25.58
C GLY D 161 -54.55 -56.82 -25.70
N ASN D 162 -53.72 -57.00 -26.72
CA ASN D 162 -53.05 -58.28 -26.98
C ASN D 162 -51.54 -58.08 -27.14
N PRO D 163 -50.79 -58.19 -26.02
CA PRO D 163 -51.28 -58.47 -24.69
C PRO D 163 -51.83 -57.21 -24.00
N PRO D 164 -52.47 -57.35 -22.83
CA PRO D 164 -52.87 -56.15 -22.09
C PRO D 164 -51.65 -55.32 -21.67
N GLY D 165 -51.89 -54.04 -21.42
CA GLY D 165 -50.86 -53.15 -20.88
C GLY D 165 -50.55 -53.51 -19.43
N ASP D 166 -49.62 -52.78 -18.83
CA ASP D 166 -49.27 -53.00 -17.43
C ASP D 166 -49.84 -51.91 -16.53
N LEU D 167 -49.79 -52.15 -15.23
CA LEU D 167 -50.04 -51.12 -14.24
C LEU D 167 -48.68 -50.69 -13.68
N LEU D 168 -48.31 -49.44 -13.93
CA LEU D 168 -47.05 -48.91 -13.40
C LEU D 168 -47.27 -47.95 -12.25
N LEU D 169 -46.78 -48.33 -11.08
CA LEU D 169 -46.94 -47.54 -9.87
C LEU D 169 -45.62 -46.88 -9.47
N VAL D 170 -45.68 -45.59 -9.15
CA VAL D 170 -44.53 -44.91 -8.55
C VAL D 170 -44.82 -44.57 -7.10
N VAL D 171 -43.90 -44.95 -6.22
CA VAL D 171 -44.08 -44.74 -4.79
C VAL D 171 -43.82 -43.29 -4.40
N ARG D 172 -44.80 -42.65 -3.79
CA ARG D 172 -44.61 -41.33 -3.20
C ARG D 172 -44.66 -41.44 -1.69
N MSE D 173 -43.63 -40.91 -1.02
CA MSE D 173 -43.57 -40.99 0.42
C MSE D 173 -44.32 -39.83 1.04
O MSE D 173 -44.10 -38.67 0.70
CB MSE D 173 -42.12 -41.01 0.91
CG MSE D 173 -41.94 -41.71 2.24
SE MSE D 173 -42.34 -43.63 2.16
CE MSE D 173 -40.76 -44.23 1.19
N LEU D 174 -45.25 -40.17 1.93
CA LEU D 174 -45.97 -39.18 2.72
C LEU D 174 -45.09 -38.66 3.84
N PRO D 175 -45.13 -37.34 4.10
CA PRO D 175 -44.37 -36.77 5.23
C PRO D 175 -44.73 -37.43 6.55
N HIS D 176 -43.74 -37.60 7.42
CA HIS D 176 -43.95 -38.31 8.69
C HIS D 176 -43.79 -37.37 9.89
N PRO D 177 -44.67 -37.53 10.91
CA PRO D 177 -44.66 -36.69 12.11
C PRO D 177 -43.38 -36.74 12.96
N VAL D 178 -42.64 -37.86 12.90
CA VAL D 178 -41.44 -38.00 13.74
C VAL D 178 -40.15 -38.30 12.97
N PHE D 179 -40.21 -39.22 12.02
CA PHE D 179 -39.02 -39.66 11.29
C PHE D 179 -38.83 -38.97 9.93
N ARG D 180 -37.57 -38.85 9.53
CA ARG D 180 -37.20 -38.31 8.23
C ARG D 180 -36.30 -39.32 7.50
N LEU D 181 -36.66 -39.61 6.25
CA LEU D 181 -35.96 -40.62 5.45
C LEU D 181 -34.96 -39.97 4.50
N GLU D 182 -33.69 -40.31 4.66
CA GLU D 182 -32.65 -39.88 3.73
C GLU D 182 -31.89 -41.12 3.25
N GLY D 183 -32.15 -41.52 2.01
CA GLY D 183 -31.61 -42.76 1.46
C GLY D 183 -32.30 -43.96 2.07
N GLN D 184 -31.61 -44.62 2.99
CA GLN D 184 -32.17 -45.72 3.78
C GLN D 184 -32.03 -45.41 5.27
N ASP D 185 -31.44 -44.24 5.57
CA ASP D 185 -31.21 -43.83 6.95
C ASP D 185 -32.36 -43.00 7.48
N LEU D 186 -32.82 -43.34 8.68
CA LEU D 186 -33.88 -42.60 9.34
C LEU D 186 -33.30 -41.56 10.31
N TYR D 187 -33.96 -40.40 10.40
CA TYR D 187 -33.52 -39.30 11.26
C TYR D 187 -34.65 -38.74 12.10
N ALA D 188 -34.45 -38.74 13.42
CA ALA D 188 -35.46 -38.23 14.36
C ALA D 188 -34.84 -37.52 15.56
N THR D 189 -35.64 -36.67 16.20
CA THR D 189 -35.22 -35.98 17.40
C THR D 189 -35.49 -36.84 18.64
N LEU D 190 -34.52 -36.84 19.56
CA LEU D 190 -34.65 -37.54 20.83
C LEU D 190 -34.70 -36.53 21.97
N ASP D 191 -35.85 -36.45 22.64
CA ASP D 191 -35.99 -35.59 23.80
C ASP D 191 -35.30 -36.22 25.00
N VAL D 192 -34.34 -35.49 25.56
CA VAL D 192 -33.63 -35.95 26.75
C VAL D 192 -33.73 -34.89 27.85
N PRO D 193 -34.32 -35.27 29.00
CA PRO D 193 -34.44 -34.36 30.14
C PRO D 193 -33.08 -33.84 30.59
N ALA D 194 -33.02 -32.54 30.88
CA ALA D 194 -31.78 -31.86 31.27
C ALA D 194 -30.94 -32.59 32.34
N PRO D 195 -31.57 -33.00 33.47
CA PRO D 195 -30.77 -33.73 34.47
C PRO D 195 -30.14 -35.02 33.93
N ILE D 196 -30.91 -35.82 33.20
CA ILE D 196 -30.44 -37.10 32.66
C ILE D 196 -29.32 -36.88 31.62
N ALA D 197 -29.38 -35.75 30.92
CA ALA D 197 -28.35 -35.37 29.95
C ALA D 197 -27.00 -35.11 30.63
N VAL D 198 -27.06 -34.57 31.85
CA VAL D 198 -25.87 -34.23 32.61
C VAL D 198 -25.33 -35.47 33.34
N VAL D 199 -26.18 -36.07 34.16
CA VAL D 199 -25.81 -37.23 35.00
C VAL D 199 -25.43 -38.45 34.15
N GLY D 200 -26.27 -38.76 33.16
CA GLY D 200 -26.09 -39.94 32.33
C GLY D 200 -27.05 -41.02 32.79
N GLY D 201 -27.87 -41.49 31.87
CA GLY D 201 -28.87 -42.51 32.19
C GLY D 201 -29.52 -43.12 30.96
N LYS D 202 -30.78 -43.50 31.11
CA LYS D 202 -31.51 -44.20 30.04
C LYS D 202 -32.83 -43.51 29.69
N VAL D 203 -33.07 -43.33 28.39
CA VAL D 203 -34.28 -42.70 27.87
C VAL D 203 -35.04 -43.68 26.97
N ARG D 204 -36.37 -43.63 27.04
CA ARG D 204 -37.23 -44.41 26.15
C ARG D 204 -37.36 -43.69 24.81
N ALA D 205 -36.71 -44.23 23.80
CA ALA D 205 -36.75 -43.68 22.45
C ALA D 205 -37.69 -44.46 21.54
N MSE D 206 -37.76 -44.07 20.28
CA MSE D 206 -38.68 -44.70 19.33
C MSE D 206 -38.05 -45.08 17.99
O MSE D 206 -37.23 -44.34 17.45
CB MSE D 206 -39.88 -43.80 19.08
CG MSE D 206 -40.97 -43.94 20.11
SE MSE D 206 -42.72 -43.72 19.29
CE MSE D 206 -42.74 -45.30 18.13
N THR D 207 -38.45 -46.24 17.48
CA THR D 207 -38.14 -46.67 16.12
C THR D 207 -39.46 -46.84 15.38
N LEU D 208 -39.40 -47.18 14.09
CA LEU D 208 -40.59 -47.58 13.34
C LEU D 208 -41.12 -48.93 13.83
N GLU D 209 -40.18 -49.77 14.28
CA GLU D 209 -40.50 -51.11 14.77
C GLU D 209 -41.23 -51.09 16.11
N GLY D 210 -40.86 -50.13 16.96
CA GLY D 210 -41.48 -49.97 18.27
C GLY D 210 -40.63 -49.11 19.20
N PRO D 211 -40.88 -49.20 20.51
CA PRO D 211 -40.09 -48.45 21.49
C PRO D 211 -38.83 -49.21 21.90
N VAL D 212 -37.72 -48.48 22.01
CA VAL D 212 -36.45 -49.05 22.47
C VAL D 212 -35.81 -48.16 23.54
N GLU D 213 -34.97 -48.76 24.38
CA GLU D 213 -34.27 -48.01 25.42
C GLU D 213 -32.87 -47.57 24.97
N VAL D 214 -32.65 -46.26 25.01
CA VAL D 214 -31.36 -45.68 24.61
C VAL D 214 -30.61 -45.17 25.83
N ALA D 215 -29.37 -45.62 25.99
CA ALA D 215 -28.52 -45.15 27.07
C ALA D 215 -27.81 -43.87 26.66
N VAL D 216 -27.95 -42.83 27.48
CA VAL D 216 -27.23 -41.58 27.25
C VAL D 216 -26.04 -41.45 28.20
N PRO D 217 -24.83 -41.29 27.63
CA PRO D 217 -23.60 -41.08 28.40
C PRO D 217 -23.65 -39.77 29.19
N PRO D 218 -22.92 -39.71 30.33
CA PRO D 218 -22.84 -38.48 31.12
C PRO D 218 -22.28 -37.31 30.31
N ARG D 219 -22.80 -36.11 30.56
CA ARG D 219 -22.37 -34.88 29.88
C ARG D 219 -22.53 -34.92 28.36
N THR D 220 -23.71 -35.33 27.91
CA THR D 220 -24.04 -35.35 26.48
C THR D 220 -24.81 -34.09 26.08
N GLN D 221 -24.17 -33.25 25.27
CA GLN D 221 -24.72 -31.95 24.88
C GLN D 221 -25.87 -32.04 23.88
N ALA D 222 -26.61 -30.94 23.73
CA ALA D 222 -27.64 -30.83 22.71
C ALA D 222 -26.99 -30.85 21.34
N GLY D 223 -27.63 -31.53 20.39
CA GLY D 223 -27.11 -31.63 19.03
C GLY D 223 -26.32 -32.90 18.79
N ARG D 224 -25.90 -33.54 19.87
CA ARG D 224 -25.20 -34.83 19.80
C ARG D 224 -26.08 -35.84 19.07
N LYS D 225 -25.51 -36.47 18.06
CA LYS D 225 -26.23 -37.44 17.25
C LYS D 225 -25.80 -38.85 17.59
N MSE D 226 -26.78 -39.74 17.75
CA MSE D 226 -26.54 -41.11 18.21
C MSE D 226 -27.05 -42.12 17.21
O MSE D 226 -28.21 -42.06 16.80
CB MSE D 226 -27.20 -41.33 19.57
CG MSE D 226 -26.84 -40.27 20.61
SE MSE D 226 -27.43 -40.73 22.39
CE MSE D 226 -26.21 -42.22 22.77
N ARG D 227 -26.17 -43.04 16.82
CA ARG D 227 -26.47 -44.01 15.78
C ARG D 227 -26.97 -45.33 16.36
N LEU D 228 -28.22 -45.67 16.06
CA LEU D 228 -28.77 -46.98 16.38
C LEU D 228 -28.66 -47.88 15.15
N LYS D 229 -27.55 -48.61 15.07
CA LYS D 229 -27.24 -49.50 13.95
C LYS D 229 -28.42 -50.40 13.58
N GLY D 230 -28.79 -50.40 12.30
CA GLY D 230 -29.86 -51.26 11.79
C GLY D 230 -31.27 -50.79 12.08
N GLY D 231 -31.42 -49.57 12.60
CA GLY D 231 -32.72 -49.02 12.94
C GLY D 231 -33.36 -48.22 11.81
N GLY D 232 -32.73 -48.24 10.63
CA GLY D 232 -33.23 -47.51 9.47
C GLY D 232 -34.10 -48.36 8.57
N PHE D 233 -34.25 -47.91 7.32
CA PHE D 233 -35.00 -48.64 6.31
C PHE D 233 -34.28 -49.88 5.79
N PRO D 234 -35.02 -50.97 5.57
CA PRO D 234 -34.42 -52.16 4.98
C PRO D 234 -34.33 -52.01 3.47
N GLY D 235 -33.65 -52.94 2.82
CA GLY D 235 -33.56 -52.96 1.38
C GLY D 235 -32.85 -54.21 0.91
N PRO D 236 -32.50 -54.26 -0.38
CA PRO D 236 -31.67 -55.38 -0.83
C PRO D 236 -30.24 -55.15 -0.34
N ALA D 237 -29.51 -56.23 -0.10
CA ALA D 237 -28.10 -56.14 0.26
C ALA D 237 -27.79 -55.41 1.58
N GLY D 238 -28.82 -54.97 2.30
CA GLY D 238 -28.59 -54.33 3.59
C GLY D 238 -29.65 -53.34 4.06
N ARG D 239 -29.41 -52.80 5.26
CA ARG D 239 -30.38 -51.96 5.94
C ARG D 239 -29.74 -50.71 6.55
N GLY D 240 -30.49 -49.61 6.54
CA GLY D 240 -29.99 -48.33 7.05
C GLY D 240 -29.92 -48.23 8.57
N ASP D 241 -29.52 -47.06 9.04
CA ASP D 241 -29.37 -46.78 10.46
C ASP D 241 -30.37 -45.73 10.93
N LEU D 242 -30.63 -45.70 12.24
CA LEU D 242 -31.44 -44.65 12.86
C LEU D 242 -30.50 -43.65 13.55
N TYR D 243 -30.59 -42.39 13.15
CA TYR D 243 -29.81 -41.34 13.79
C TYR D 243 -30.72 -40.48 14.68
N LEU D 244 -30.43 -40.47 15.98
CA LEU D 244 -31.19 -39.66 16.91
C LEU D 244 -30.39 -38.43 17.32
N GLU D 245 -30.94 -37.25 17.08
CA GLU D 245 -30.33 -36.02 17.56
C GLU D 245 -30.88 -35.66 18.94
N VAL D 246 -29.97 -35.47 19.90
CA VAL D 246 -30.34 -35.11 21.26
C VAL D 246 -30.91 -33.69 21.32
N ARG D 247 -32.10 -33.58 21.89
CA ARG D 247 -32.78 -32.31 22.10
C ARG D 247 -33.13 -32.19 23.58
N ILE D 248 -32.39 -31.35 24.30
CA ILE D 248 -32.55 -31.19 25.75
C ILE D 248 -33.92 -30.61 26.10
N THR D 249 -34.65 -31.31 26.96
CA THR D 249 -35.97 -30.87 27.37
C THR D 249 -36.05 -30.54 28.86
N ILE D 250 -36.87 -29.55 29.19
CA ILE D 250 -37.10 -29.13 30.58
C ILE D 250 -38.59 -29.27 30.96
N PRO D 251 -38.87 -29.53 32.25
CA PRO D 251 -40.26 -29.69 32.68
C PRO D 251 -41.06 -28.38 32.63
N GLU D 252 -42.31 -28.47 32.19
CA GLU D 252 -43.18 -27.31 32.06
C GLU D 252 -43.99 -27.07 33.34
N ARG D 253 -43.88 -28.00 34.28
CA ARG D 253 -44.57 -27.93 35.57
C ARG D 253 -43.75 -28.65 36.64
N LEU D 254 -43.72 -28.09 37.85
CA LEU D 254 -42.90 -28.63 38.93
C LEU D 254 -43.60 -28.58 40.29
N THR D 255 -42.90 -29.10 41.31
CA THR D 255 -43.33 -28.98 42.70
C THR D 255 -42.50 -27.90 43.39
N PRO D 256 -43.06 -27.25 44.43
CA PRO D 256 -42.30 -26.27 45.23
C PRO D 256 -40.96 -26.81 45.74
N GLU D 257 -40.85 -28.14 45.81
CA GLU D 257 -39.60 -28.81 46.21
C GLU D 257 -38.54 -28.69 45.12
N GLU D 258 -38.97 -28.73 43.86
CA GLU D 258 -38.06 -28.74 42.71
C GLU D 258 -37.55 -27.35 42.29
N GLU D 259 -38.35 -26.31 42.56
CA GLU D 259 -37.97 -24.93 42.28
C GLU D 259 -36.67 -24.52 42.98
N ALA D 260 -36.54 -24.87 44.24
CA ALA D 260 -35.36 -24.55 45.05
C ALA D 260 -34.07 -25.08 44.41
N LEU D 261 -34.14 -26.30 43.89
CA LEU D 261 -33.00 -26.93 43.22
C LEU D 261 -32.58 -26.18 41.96
N TRP D 262 -33.55 -25.90 41.08
CA TRP D 262 -33.30 -25.16 39.85
C TRP D 262 -32.77 -23.75 40.11
N LYS D 263 -33.30 -23.11 41.15
CA LYS D 263 -32.91 -21.75 41.52
C LYS D 263 -31.44 -21.63 41.92
N LYS D 264 -30.93 -22.65 42.60
CA LYS D 264 -29.54 -22.67 43.07
C LYS D 264 -28.55 -22.65 41.92
N LEU D 265 -28.82 -23.44 40.87
CA LEU D 265 -27.96 -23.49 39.69
C LEU D 265 -28.04 -22.21 38.87
N ALA D 266 -29.24 -21.70 38.68
CA ALA D 266 -29.47 -20.44 37.95
C ALA D 266 -28.67 -19.29 38.56
N GLU D 267 -28.79 -19.14 39.88
CA GLU D 267 -28.01 -18.16 40.65
C GLU D 267 -26.51 -18.35 40.43
N ALA D 268 -26.06 -19.60 40.37
CA ALA D 268 -24.67 -19.95 40.11
C ALA D 268 -24.23 -19.57 38.70
N TYR D 269 -25.17 -19.56 37.76
CA TYR D 269 -24.91 -19.15 36.37
C TYR D 269 -24.77 -17.64 36.24
N TYR D 270 -25.46 -16.90 37.11
CA TYR D 270 -25.30 -15.44 37.16
C TYR D 270 -24.03 -15.06 37.90
N ALA D 271 -23.43 -16.03 38.59
CA ALA D 271 -22.19 -15.85 39.31
C ALA D 271 -20.95 -16.15 38.46
N ARG D 272 -21.13 -16.89 37.37
CA ARG D 272 -20.04 -17.19 36.44
C ARG D 272 -19.91 -16.09 35.38
#